data_6TOT
#
_entry.id   6TOT
#
_cell.length_a   59.725
_cell.length_b   145.715
_cell.length_c   71.703
_cell.angle_alpha   90
_cell.angle_beta   112.25
_cell.angle_gamma   90
#
_symmetry.space_group_name_H-M   'P 1 21 1'
#
loop_
_entity.id
_entity.type
_entity.pdbx_description
1 polymer 'Orexin receptor type 1'
2 non-polymer (1~{R},2~{S})-2-[(2,4-dimethylpyrimidin-5-yl)oxymethyl]-~{N}-(5-fluoranylpyridin-2-yl)-2-(3-fluorophenyl)cyclopropane-1-carboxamide
3 non-polymer 'TETRAETHYLENE GLYCOL'
4 non-polymer 'SULFATE ION'
5 non-polymer 'octyl 1-thio-beta-D-glucopyranoside'
6 non-polymer '(1R)-2-{[(S)-{[(2S)-2,3-dihydroxypropyl]oxy}(hydroxy)phosphoryl]oxy}-1-[(hexadecanoyloxy)methyl]ethyl (9Z)-octadec-9-enoate'
7 water water
#
_entity_poly.entity_id   1
_entity_poly.type   'polypeptide(L)'
_entity_poly.pdbx_seq_one_letter_code
;AASEDEFLRYLWRDYLYPKQYAWVLIAAYVAVFVVALVGNTLVCLAVWRNHHMRTVTNYFLVNLSLADVLATAICLPASL
LVDITESWLFGHALCKVIPYLQAVSVSVAVLTLSFIALDRWYAICHPLLFKSTARRALGSILGIWAVSLAIMVPQAAVME
CSSVLPELAARTRAFSVCDERWADDLAPKIYHSCFFIVTYLAPLGLMAMAYFQIFRKLWGRQIPGTTSAEVKQMRARRKT
AKMLMVVVLVFALCYLPISVLNVLKRVFGMFRQASDREAVYAAFTFSHWLVYANSAANPIIYNFLSGKFREQFKAAFSWW
LPGLAAAHHHHHHHHH
;
_entity_poly.pdbx_strand_id   A,B
#
loop_
_chem_comp.id
_chem_comp.type
_chem_comp.name
_chem_comp.formula
NRK non-polymer (1~{R},2~{S})-2-[(2,4-dimethylpyrimidin-5-yl)oxymethyl]-~{N}-(5-fluoranylpyridin-2-yl)-2-(3-fluorophenyl)cyclopropane-1-carboxamide 'C22 H20 F2 N4 O2'
PG4 non-polymer 'TETRAETHYLENE GLYCOL' 'C8 H18 O5'
PGW non-polymer '(1R)-2-{[(S)-{[(2S)-2,3-dihydroxypropyl]oxy}(hydroxy)phosphoryl]oxy}-1-[(hexadecanoyloxy)methyl]ethyl (9Z)-octadec-9-enoate' 'C40 H77 O10 P'
SO4 non-polymer 'SULFATE ION' 'O4 S -2'
SOG D-saccharide 'octyl 1-thio-beta-D-glucopyranoside' 'C14 H28 O5 S'
#
# COMPACT_ATOMS: atom_id res chain seq x y z
N SER A 3 -21.02 48.06 32.65
CA SER A 3 -21.03 46.69 33.17
C SER A 3 -21.81 45.73 32.26
N GLU A 4 -22.87 46.24 31.58
CA GLU A 4 -23.78 45.53 30.69
C GLU A 4 -23.09 44.77 29.54
N ASP A 5 -22.06 45.39 28.90
CA ASP A 5 -21.28 44.80 27.80
C ASP A 5 -20.41 43.63 28.29
N GLU A 6 -19.78 43.79 29.47
CA GLU A 6 -18.93 42.78 30.13
C GLU A 6 -19.76 41.55 30.49
N PHE A 7 -21.00 41.75 31.00
CA PHE A 7 -21.92 40.68 31.36
C PHE A 7 -22.30 39.85 30.14
N LEU A 8 -22.68 40.53 29.03
CA LEU A 8 -23.05 39.89 27.75
C LEU A 8 -21.89 39.14 27.12
N ARG A 9 -20.65 39.57 27.44
CA ARG A 9 -19.44 38.90 26.95
C ARG A 9 -19.19 37.60 27.71
N TYR A 10 -19.34 37.60 29.06
CA TYR A 10 -19.18 36.40 29.88
C TYR A 10 -20.31 35.42 29.68
N LEU A 11 -21.57 35.92 29.45
CA LEU A 11 -22.76 35.12 29.15
C LEU A 11 -22.51 34.36 27.86
N TRP A 12 -21.88 35.04 26.88
CA TRP A 12 -21.51 34.45 25.61
C TRP A 12 -20.41 33.39 25.80
N ARG A 13 -19.28 33.76 26.42
CA ARG A 13 -18.14 32.87 26.66
C ARG A 13 -18.48 31.63 27.52
N ASP A 14 -19.11 31.87 28.69
CA ASP A 14 -19.41 30.87 29.71
C ASP A 14 -20.69 30.04 29.50
N TYR A 15 -21.61 30.49 28.62
CA TYR A 15 -22.88 29.80 28.43
C TYR A 15 -23.36 29.72 26.95
N LEU A 16 -23.62 30.86 26.29
CA LEU A 16 -24.15 30.87 24.92
C LEU A 16 -23.26 30.20 23.86
N TYR A 17 -21.96 30.52 23.79
CA TYR A 17 -21.01 29.89 22.87
C TYR A 17 -20.90 28.35 23.12
N PRO A 18 -20.56 27.85 24.34
CA PRO A 18 -20.51 26.38 24.54
C PRO A 18 -21.70 25.48 24.21
N LYS A 19 -22.92 25.98 24.35
CA LYS A 19 -24.14 25.26 24.00
C LYS A 19 -24.43 25.31 22.49
N GLN A 20 -24.10 26.45 21.87
CA GLN A 20 -24.20 26.69 20.42
C GLN A 20 -23.21 25.69 19.78
N TYR A 21 -22.01 25.53 20.39
CA TYR A 21 -20.97 24.59 19.98
C TYR A 21 -21.49 23.16 20.10
N ALA A 22 -22.05 22.80 21.26
CA ALA A 22 -22.59 21.46 21.54
C ALA A 22 -23.75 21.09 20.61
N TRP A 23 -24.63 22.07 20.30
CA TRP A 23 -25.76 21.87 19.41
C TRP A 23 -25.28 21.54 18.00
N VAL A 24 -24.40 22.41 17.42
CA VAL A 24 -23.79 22.27 16.09
C VAL A 24 -23.02 20.93 15.96
N LEU A 25 -22.28 20.55 17.00
CA LEU A 25 -21.51 19.31 17.07
C LEU A 25 -22.38 18.05 17.02
N ILE A 26 -23.43 18.00 17.85
CA ILE A 26 -24.36 16.88 17.94
C ILE A 26 -25.27 16.85 16.70
N ALA A 27 -25.84 18.00 16.28
CA ALA A 27 -26.67 18.05 15.08
C ALA A 27 -25.84 17.54 13.87
N ALA A 28 -24.60 18.09 13.66
CA ALA A 28 -23.71 17.69 12.56
C ALA A 28 -23.39 16.21 12.56
N TYR A 29 -23.09 15.63 13.73
CA TYR A 29 -22.79 14.19 13.85
C TYR A 29 -24.04 13.32 13.64
N VAL A 30 -25.22 13.73 14.20
CA VAL A 30 -26.50 13.00 14.02
C VAL A 30 -26.92 13.00 12.53
N ALA A 31 -26.93 14.20 11.90
CA ALA A 31 -27.27 14.38 10.47
C ALA A 31 -26.39 13.49 9.58
N VAL A 32 -25.07 13.47 9.84
CA VAL A 32 -24.12 12.65 9.10
C VAL A 32 -24.42 11.16 9.32
N PHE A 33 -24.68 10.76 10.59
CA PHE A 33 -25.00 9.38 11.00
C PHE A 33 -26.24 8.84 10.27
N VAL A 34 -27.32 9.64 10.23
CA VAL A 34 -28.58 9.25 9.59
C VAL A 34 -28.39 9.14 8.07
N VAL A 35 -27.92 10.22 7.42
CA VAL A 35 -27.69 10.32 5.97
C VAL A 35 -26.68 9.25 5.48
N ALA A 36 -25.64 8.94 6.27
CA ALA A 36 -24.68 7.89 5.93
C ALA A 36 -25.31 6.49 6.10
N LEU A 37 -26.15 6.26 7.15
CA LEU A 37 -26.78 4.95 7.37
C LEU A 37 -27.81 4.65 6.33
N VAL A 38 -28.71 5.62 6.06
CA VAL A 38 -29.76 5.49 5.06
C VAL A 38 -29.15 5.38 3.66
N GLY A 39 -28.30 6.35 3.29
CA GLY A 39 -27.64 6.43 2.00
C GLY A 39 -26.85 5.20 1.60
N ASN A 40 -25.95 4.73 2.48
CA ASN A 40 -25.10 3.57 2.18
C ASN A 40 -25.85 2.25 2.12
N THR A 41 -27.00 2.13 2.81
CA THR A 41 -27.82 0.90 2.73
C THR A 41 -28.54 0.89 1.39
N LEU A 42 -28.99 2.09 0.94
CA LEU A 42 -29.64 2.32 -0.36
C LEU A 42 -28.70 2.05 -1.54
N VAL A 43 -27.38 2.25 -1.35
CA VAL A 43 -26.38 1.95 -2.38
C VAL A 43 -26.40 0.41 -2.57
N CYS A 44 -26.29 -0.34 -1.45
CA CYS A 44 -26.29 -1.81 -1.39
C CYS A 44 -27.57 -2.38 -1.99
N LEU A 45 -28.71 -1.70 -1.75
CA LEU A 45 -30.03 -2.06 -2.26
C LEU A 45 -30.18 -1.79 -3.77
N ALA A 46 -29.64 -0.65 -4.26
CA ALA A 46 -29.64 -0.21 -5.67
C ALA A 46 -28.96 -1.21 -6.62
N VAL A 47 -27.90 -1.88 -6.14
CA VAL A 47 -27.10 -2.86 -6.86
C VAL A 47 -27.79 -4.23 -6.79
N TRP A 48 -28.39 -4.56 -5.62
CA TRP A 48 -29.12 -5.81 -5.39
C TRP A 48 -30.44 -5.86 -6.17
N ARG A 49 -31.17 -4.73 -6.24
CA ARG A 49 -32.44 -4.67 -6.95
C ARG A 49 -32.25 -4.54 -8.47
N ASN A 50 -31.25 -3.76 -8.93
CA ASN A 50 -30.97 -3.58 -10.36
C ASN A 50 -29.75 -4.40 -10.82
N HIS A 51 -29.99 -5.44 -11.64
CA HIS A 51 -28.96 -6.33 -12.19
C HIS A 51 -28.06 -5.67 -13.25
N HIS A 52 -28.55 -4.61 -13.93
CA HIS A 52 -27.76 -3.87 -14.93
C HIS A 52 -26.69 -3.03 -14.24
N MET A 53 -26.94 -2.67 -12.97
CA MET A 53 -26.05 -1.90 -12.08
C MET A 53 -24.95 -2.77 -11.46
N ARG A 54 -25.01 -4.11 -11.65
CA ARG A 54 -24.05 -5.07 -11.10
C ARG A 54 -22.77 -5.10 -11.93
N THR A 55 -22.10 -3.94 -12.02
CA THR A 55 -20.83 -3.74 -12.73
C THR A 55 -19.65 -3.85 -11.74
N VAL A 56 -18.41 -3.95 -12.25
CA VAL A 56 -17.19 -4.06 -11.43
C VAL A 56 -17.04 -2.82 -10.51
N THR A 57 -17.23 -1.61 -11.08
CA THR A 57 -17.18 -0.33 -10.36
C THR A 57 -18.21 -0.32 -9.24
N ASN A 58 -19.48 -0.65 -9.56
CA ASN A 58 -20.59 -0.64 -8.60
C ASN A 58 -20.44 -1.69 -7.50
N TYR A 59 -19.80 -2.86 -7.77
CA TYR A 59 -19.52 -3.87 -6.73
C TYR A 59 -18.49 -3.30 -5.74
N PHE A 60 -17.48 -2.58 -6.25
CA PHE A 60 -16.49 -1.93 -5.39
C PHE A 60 -17.13 -0.77 -4.61
N LEU A 61 -18.11 -0.05 -5.21
CA LEU A 61 -18.82 1.03 -4.50
C LEU A 61 -19.68 0.51 -3.31
N VAL A 62 -20.17 -0.74 -3.41
CA VAL A 62 -20.93 -1.43 -2.36
C VAL A 62 -19.99 -1.74 -1.20
N ASN A 63 -18.76 -2.15 -1.53
CA ASN A 63 -17.72 -2.46 -0.55
C ASN A 63 -17.27 -1.17 0.16
N LEU A 64 -17.26 -0.04 -0.57
CA LEU A 64 -16.91 1.27 -0.02
C LEU A 64 -18.00 1.70 0.99
N SER A 65 -19.28 1.42 0.68
CA SER A 65 -20.46 1.67 1.54
C SER A 65 -20.51 0.81 2.82
N LEU A 66 -19.97 -0.43 2.78
CA LEU A 66 -19.90 -1.35 3.91
C LEU A 66 -18.81 -0.93 4.91
N ALA A 67 -17.70 -0.38 4.37
CA ALA A 67 -16.59 0.19 5.13
C ALA A 67 -17.18 1.44 5.82
N ASP A 68 -18.01 2.22 5.07
CA ASP A 68 -18.67 3.44 5.54
C ASP A 68 -19.69 3.13 6.64
N VAL A 69 -20.42 2.01 6.51
CA VAL A 69 -21.40 1.56 7.51
C VAL A 69 -20.67 1.07 8.77
N LEU A 70 -19.50 0.42 8.62
CA LEU A 70 -18.66 -0.03 9.74
C LEU A 70 -18.23 1.20 10.59
N ALA A 71 -17.71 2.24 9.93
CA ALA A 71 -17.28 3.49 10.55
C ALA A 71 -18.47 4.28 11.16
N THR A 72 -19.61 4.37 10.45
CA THR A 72 -20.79 5.12 10.90
C THR A 72 -21.49 4.46 12.10
N ALA A 73 -21.66 3.12 12.07
CA ALA A 73 -22.33 2.42 13.15
C ALA A 73 -21.56 2.34 14.47
N ILE A 74 -20.28 1.95 14.41
CA ILE A 74 -19.47 1.68 15.60
C ILE A 74 -18.58 2.82 16.03
N CYS A 75 -17.89 3.44 15.08
CA CYS A 75 -16.89 4.46 15.37
C CYS A 75 -17.44 5.88 15.47
N LEU A 76 -18.47 6.26 14.68
CA LEU A 76 -19.02 7.62 14.73
C LEU A 76 -19.53 7.99 16.14
N PRO A 77 -20.34 7.15 16.86
CA PRO A 77 -20.80 7.55 18.21
C PRO A 77 -19.64 7.76 19.19
N ALA A 78 -18.65 6.84 19.17
CA ALA A 78 -17.43 6.84 20.00
C ALA A 78 -16.62 8.13 19.81
N SER A 79 -16.46 8.58 18.54
CA SER A 79 -15.75 9.81 18.19
C SER A 79 -16.48 11.01 18.71
N LEU A 80 -17.81 11.06 18.54
CA LEU A 80 -18.67 12.12 19.02
C LEU A 80 -18.51 12.40 20.52
N LEU A 81 -18.51 11.33 21.36
CA LEU A 81 -18.33 11.44 22.80
C LEU A 81 -16.91 11.84 23.28
N VAL A 82 -15.85 11.43 22.53
CA VAL A 82 -14.45 11.80 22.80
C VAL A 82 -14.40 13.31 22.43
N ASP A 83 -15.02 13.69 21.28
CA ASP A 83 -15.08 15.07 20.84
C ASP A 83 -15.86 15.98 21.83
N ILE A 84 -16.72 15.38 22.69
CA ILE A 84 -17.49 16.08 23.74
C ILE A 84 -16.72 16.09 25.08
N THR A 85 -16.47 14.90 25.66
CA THR A 85 -15.85 14.73 26.97
C THR A 85 -14.33 14.90 26.99
N GLU A 86 -13.64 14.56 25.87
CA GLU A 86 -12.18 14.58 25.70
C GLU A 86 -11.55 13.49 26.61
N SER A 87 -12.29 12.40 26.80
CA SER A 87 -11.95 11.23 27.63
C SER A 87 -12.61 9.98 27.00
N TRP A 88 -12.28 8.80 27.53
CA TRP A 88 -12.79 7.54 27.01
C TRP A 88 -13.75 6.92 28.00
N LEU A 89 -14.99 6.62 27.56
CA LEU A 89 -16.03 6.09 28.43
C LEU A 89 -16.53 4.65 28.11
N PHE A 90 -15.79 3.91 27.25
CA PHE A 90 -16.17 2.56 26.79
C PHE A 90 -15.24 1.45 27.28
N GLY A 91 -14.35 1.78 28.22
CA GLY A 91 -13.42 0.82 28.78
C GLY A 91 -12.23 0.42 27.93
N HIS A 92 -11.31 -0.36 28.54
CA HIS A 92 -10.04 -0.86 27.99
C HIS A 92 -10.14 -1.65 26.69
N ALA A 93 -11.11 -2.59 26.59
CA ALA A 93 -11.29 -3.46 25.43
C ALA A 93 -11.65 -2.71 24.15
N LEU A 94 -12.69 -1.86 24.20
CA LEU A 94 -13.15 -1.05 23.08
C LEU A 94 -12.18 0.08 22.70
N CYS A 95 -11.20 0.40 23.58
CA CYS A 95 -10.15 1.37 23.29
C CYS A 95 -9.18 0.76 22.26
N LYS A 96 -9.09 -0.58 22.22
CA LYS A 96 -8.28 -1.24 21.21
C LYS A 96 -9.11 -1.52 19.96
N VAL A 97 -10.35 -2.02 20.15
CA VAL A 97 -11.27 -2.45 19.09
C VAL A 97 -11.78 -1.32 18.20
N ILE A 98 -12.34 -0.24 18.78
CA ILE A 98 -12.96 0.85 18.00
C ILE A 98 -11.91 1.64 17.17
N PRO A 99 -10.76 2.16 17.69
CA PRO A 99 -9.80 2.83 16.80
C PRO A 99 -9.28 1.92 15.66
N TYR A 100 -9.16 0.61 15.95
CA TYR A 100 -8.74 -0.42 14.98
C TYR A 100 -9.77 -0.53 13.83
N LEU A 101 -11.05 -0.70 14.15
CA LEU A 101 -12.13 -0.77 13.17
C LEU A 101 -12.24 0.49 12.30
N GLN A 102 -12.05 1.69 12.89
CA GLN A 102 -12.12 2.95 12.14
C GLN A 102 -10.94 3.05 11.19
N ALA A 103 -9.72 2.68 11.66
CA ALA A 103 -8.50 2.62 10.83
C ALA A 103 -8.66 1.59 9.69
N VAL A 104 -9.27 0.42 9.96
CA VAL A 104 -9.54 -0.66 8.99
C VAL A 104 -10.49 -0.13 7.93
N SER A 105 -11.52 0.60 8.34
CA SER A 105 -12.49 1.17 7.41
C SER A 105 -11.86 2.17 6.45
N VAL A 106 -10.84 2.94 6.91
CA VAL A 106 -10.12 3.94 6.09
C VAL A 106 -9.32 3.19 5.03
N SER A 107 -8.59 2.17 5.47
CA SER A 107 -7.78 1.27 4.66
C SER A 107 -8.63 0.60 3.57
N VAL A 108 -9.83 0.13 3.90
CA VAL A 108 -10.73 -0.50 2.92
C VAL A 108 -11.16 0.56 1.91
N ALA A 109 -11.61 1.74 2.39
CA ALA A 109 -12.06 2.88 1.58
C ALA A 109 -10.99 3.26 0.52
N VAL A 110 -9.75 3.45 0.97
CA VAL A 110 -8.57 3.80 0.15
C VAL A 110 -8.26 2.71 -0.88
N LEU A 111 -8.12 1.45 -0.43
CA LEU A 111 -7.84 0.32 -1.30
C LEU A 111 -8.97 0.05 -2.31
N THR A 112 -10.23 0.27 -1.91
CA THR A 112 -11.38 0.08 -2.80
C THR A 112 -11.30 1.08 -3.95
N LEU A 113 -11.02 2.35 -3.64
CA LEU A 113 -10.88 3.44 -4.58
C LEU A 113 -9.71 3.18 -5.55
N SER A 114 -8.57 2.69 -5.03
CA SER A 114 -7.35 2.30 -5.76
C SER A 114 -7.70 1.26 -6.82
N PHE A 115 -8.38 0.16 -6.41
CA PHE A 115 -8.82 -0.91 -7.30
C PHE A 115 -9.87 -0.43 -8.32
N ILE A 116 -10.63 0.64 -8.00
CA ILE A 116 -11.59 1.21 -8.96
C ILE A 116 -10.80 1.95 -10.04
N ALA A 117 -9.85 2.82 -9.62
CA ALA A 117 -8.99 3.62 -10.49
C ALA A 117 -8.22 2.71 -11.43
N LEU A 118 -7.66 1.63 -10.87
CA LEU A 118 -6.89 0.62 -11.56
C LEU A 118 -7.69 -0.05 -12.68
N ASP A 119 -8.94 -0.42 -12.35
CA ASP A 119 -9.89 -1.07 -13.25
C ASP A 119 -10.22 -0.14 -14.42
N ARG A 120 -10.55 1.13 -14.12
CA ARG A 120 -10.85 2.14 -15.14
C ARG A 120 -9.65 2.43 -16.00
N TRP A 121 -8.45 2.54 -15.39
CA TRP A 121 -7.20 2.76 -16.10
C TRP A 121 -6.90 1.61 -17.07
N TYR A 122 -7.01 0.35 -16.63
CA TYR A 122 -6.81 -0.78 -17.55
C TYR A 122 -7.96 -0.93 -18.56
N ALA A 123 -9.20 -0.58 -18.20
CA ALA A 123 -10.29 -0.71 -19.16
C ALA A 123 -10.21 0.32 -20.28
N ILE A 124 -9.97 1.59 -19.94
CA ILE A 124 -9.91 2.73 -20.85
C ILE A 124 -8.52 3.00 -21.46
N CYS A 125 -7.45 3.08 -20.63
CA CYS A 125 -6.09 3.43 -21.10
C CYS A 125 -5.31 2.26 -21.70
N HIS A 126 -5.34 1.07 -21.08
CA HIS A 126 -4.59 -0.09 -21.55
C HIS A 126 -5.48 -1.35 -21.68
N PRO A 127 -6.44 -1.37 -22.65
CA PRO A 127 -7.35 -2.52 -22.79
C PRO A 127 -6.73 -3.83 -23.26
N LEU A 128 -7.46 -4.95 -22.99
CA LEU A 128 -7.16 -6.34 -23.38
C LEU A 128 -5.99 -7.00 -22.59
N LEU A 129 -5.24 -6.25 -21.74
CA LEU A 129 -4.14 -6.83 -20.95
C LEU A 129 -4.65 -7.70 -19.79
N PHE A 130 -5.52 -7.13 -18.92
CA PHE A 130 -6.07 -7.85 -17.78
C PHE A 130 -7.58 -7.92 -17.86
N LYS A 131 -8.14 -9.11 -17.63
CA LYS A 131 -9.60 -9.32 -17.65
C LYS A 131 -10.20 -8.85 -16.33
N SER A 132 -11.36 -8.16 -16.40
CA SER A 132 -12.06 -7.68 -15.22
C SER A 132 -13.51 -8.12 -15.19
N THR A 133 -13.81 -9.09 -14.32
CA THR A 133 -15.14 -9.66 -14.12
C THR A 133 -15.65 -9.40 -12.70
N ALA A 134 -16.95 -9.64 -12.49
CA ALA A 134 -17.65 -9.47 -11.21
C ALA A 134 -17.15 -10.45 -10.15
N ARG A 135 -16.88 -11.72 -10.54
CA ARG A 135 -16.36 -12.78 -9.67
C ARG A 135 -14.95 -12.38 -9.19
N ARG A 136 -14.13 -11.80 -10.10
CA ARG A 136 -12.78 -11.32 -9.83
C ARG A 136 -12.79 -10.05 -8.97
N ALA A 137 -13.90 -9.28 -9.03
CA ALA A 137 -14.11 -8.08 -8.22
C ALA A 137 -14.35 -8.49 -6.76
N LEU A 138 -15.11 -9.61 -6.55
CA LEU A 138 -15.40 -10.20 -5.24
C LEU A 138 -14.11 -10.73 -4.60
N GLY A 139 -13.22 -11.29 -5.42
CA GLY A 139 -11.93 -11.81 -4.99
C GLY A 139 -11.02 -10.70 -4.50
N SER A 140 -11.02 -9.57 -5.23
CA SER A 140 -10.29 -8.36 -4.90
C SER A 140 -10.88 -7.75 -3.63
N ILE A 141 -12.24 -7.72 -3.51
CA ILE A 141 -13.01 -7.19 -2.37
C ILE A 141 -12.62 -7.91 -1.07
N LEU A 142 -12.47 -9.25 -1.14
CA LEU A 142 -12.07 -10.11 -0.03
C LEU A 142 -10.60 -9.86 0.33
N GLY A 143 -9.78 -9.59 -0.68
CA GLY A 143 -8.36 -9.31 -0.58
C GLY A 143 -8.11 -8.01 0.16
N ILE A 144 -8.89 -6.98 -0.19
CA ILE A 144 -8.91 -5.65 0.43
C ILE A 144 -9.17 -5.78 1.96
N TRP A 145 -10.15 -6.62 2.36
CA TRP A 145 -10.49 -6.85 3.78
C TRP A 145 -9.38 -7.57 4.54
N ALA A 146 -8.83 -8.65 3.96
CA ALA A 146 -7.72 -9.39 4.55
C ALA A 146 -6.51 -8.46 4.77
N VAL A 147 -6.22 -7.58 3.80
CA VAL A 147 -5.07 -6.66 3.91
C VAL A 147 -5.34 -5.58 4.98
N SER A 148 -6.48 -4.86 4.88
CA SER A 148 -6.87 -3.83 5.85
C SER A 148 -6.95 -4.36 7.29
N LEU A 149 -7.49 -5.59 7.48
CA LEU A 149 -7.57 -6.20 8.80
C LEU A 149 -6.16 -6.48 9.39
N ALA A 150 -5.20 -6.91 8.56
CA ALA A 150 -3.82 -7.22 8.96
C ALA A 150 -2.92 -5.99 9.21
N ILE A 151 -2.83 -5.04 8.25
CA ILE A 151 -1.97 -3.85 8.34
C ILE A 151 -2.37 -2.86 9.48
N MET A 152 -3.61 -2.99 10.02
CA MET A 152 -4.11 -2.10 11.08
C MET A 152 -3.94 -2.68 12.49
N VAL A 153 -3.43 -3.92 12.60
CA VAL A 153 -3.10 -4.56 13.87
C VAL A 153 -2.04 -3.71 14.66
N PRO A 154 -0.93 -3.18 14.05
CA PRO A 154 0.00 -2.32 14.83
C PRO A 154 -0.69 -1.14 15.53
N GLN A 155 -1.73 -0.57 14.88
CA GLN A 155 -2.55 0.53 15.38
C GLN A 155 -3.29 0.09 16.63
N ALA A 156 -3.92 -1.12 16.60
CA ALA A 156 -4.65 -1.67 17.75
C ALA A 156 -3.69 -1.91 18.91
N ALA A 157 -2.49 -2.40 18.60
CA ALA A 157 -1.41 -2.71 19.56
C ALA A 157 -0.94 -1.53 20.41
N VAL A 158 -0.77 -0.33 19.82
CA VAL A 158 -0.30 0.85 20.55
C VAL A 158 -1.41 1.53 21.40
N MET A 159 -2.71 1.25 21.14
CA MET A 159 -3.82 1.89 21.85
C MET A 159 -3.87 1.44 23.29
N GLU A 160 -3.92 2.41 24.19
CA GLU A 160 -3.97 2.17 25.62
C GLU A 160 -4.97 3.10 26.30
N CYS A 161 -5.69 2.56 27.27
CA CYS A 161 -6.69 3.23 28.10
C CYS A 161 -5.99 3.58 29.41
N SER A 162 -5.71 4.87 29.63
CA SER A 162 -4.97 5.30 30.82
C SER A 162 -5.83 6.12 31.78
N SER A 163 -5.81 5.76 33.07
CA SER A 163 -6.58 6.47 34.11
C SER A 163 -5.98 7.85 34.46
N VAL A 164 -4.65 8.03 34.26
CA VAL A 164 -3.93 9.30 34.55
C VAL A 164 -2.65 9.42 33.71
N ARG A 173 -12.39 13.48 40.32
CA ARG A 173 -13.05 12.46 39.51
C ARG A 173 -12.07 11.86 38.48
N ALA A 174 -11.76 10.55 38.62
CA ALA A 174 -10.81 9.81 37.76
C ALA A 174 -11.40 9.51 36.38
N PHE A 175 -10.66 9.87 35.30
CA PHE A 175 -11.14 9.65 33.95
C PHE A 175 -10.11 8.99 33.02
N SER A 176 -10.53 7.93 32.32
CA SER A 176 -9.68 7.23 31.37
C SER A 176 -9.56 7.99 30.05
N VAL A 177 -8.41 7.84 29.38
CA VAL A 177 -8.16 8.42 28.06
C VAL A 177 -7.63 7.34 27.12
N CYS A 178 -8.17 7.30 25.91
CA CYS A 178 -7.74 6.34 24.91
C CYS A 178 -6.78 7.09 23.97
N ASP A 179 -5.51 6.69 23.99
CA ASP A 179 -4.45 7.26 23.21
C ASP A 179 -3.38 6.21 22.92
N GLU A 180 -2.52 6.48 21.94
CA GLU A 180 -1.41 5.62 21.55
C GLU A 180 -0.30 5.68 22.60
N ARG A 181 0.32 4.55 22.87
CA ARG A 181 1.41 4.45 23.82
C ARG A 181 2.68 4.08 23.06
N TRP A 182 3.71 4.92 23.21
CA TRP A 182 5.00 4.81 22.56
C TRP A 182 6.13 4.74 23.56
N ALA A 183 6.95 3.68 23.47
CA ALA A 183 8.12 3.46 24.32
C ALA A 183 9.25 4.47 24.00
N ASP A 184 9.32 4.97 22.74
CA ASP A 184 10.34 5.93 22.29
C ASP A 184 9.78 7.00 21.33
N ASP A 185 10.55 8.09 21.14
CA ASP A 185 10.19 9.23 20.27
C ASP A 185 10.27 8.92 18.78
N LEU A 186 11.16 7.98 18.38
CA LEU A 186 11.39 7.65 16.97
C LEU A 186 10.25 6.87 16.31
N ALA A 187 9.80 5.76 16.93
CA ALA A 187 8.71 4.88 16.48
C ALA A 187 7.40 5.63 16.03
N PRO A 188 6.78 6.55 16.83
CA PRO A 188 5.58 7.28 16.31
C PRO A 188 5.84 8.09 15.04
N LYS A 189 7.04 8.71 14.92
CA LYS A 189 7.47 9.47 13.74
C LYS A 189 7.58 8.58 12.50
N ILE A 190 8.24 7.41 12.63
CA ILE A 190 8.36 6.47 11.50
C ILE A 190 6.97 5.94 11.16
N TYR A 191 6.21 5.47 12.18
CA TYR A 191 4.87 4.91 12.01
C TYR A 191 3.88 5.87 11.34
N HIS A 192 3.73 7.10 11.87
CA HIS A 192 2.79 8.07 11.32
C HIS A 192 3.21 8.63 9.96
N SER A 193 4.51 8.57 9.62
CA SER A 193 4.98 8.93 8.29
C SER A 193 4.52 7.83 7.28
N CYS A 194 4.72 6.55 7.62
CA CYS A 194 4.26 5.43 6.80
C CYS A 194 2.74 5.45 6.67
N PHE A 195 2.04 5.65 7.81
CA PHE A 195 0.59 5.67 7.91
C PHE A 195 0.03 6.61 6.87
N PHE A 196 0.44 7.89 6.90
CA PHE A 196 0.03 8.95 5.99
C PHE A 196 0.33 8.64 4.52
N ILE A 197 1.55 8.17 4.20
CA ILE A 197 1.94 7.83 2.83
C ILE A 197 1.08 6.68 2.27
N VAL A 198 0.85 5.65 3.05
CA VAL A 198 0.14 4.44 2.64
C VAL A 198 -1.39 4.59 2.61
N THR A 199 -1.96 5.37 3.51
CA THR A 199 -3.42 5.55 3.56
C THR A 199 -3.89 6.79 2.82
N TYR A 200 -2.99 7.73 2.55
CA TYR A 200 -3.41 8.95 1.91
C TYR A 200 -2.56 9.37 0.68
N LEU A 201 -1.34 9.88 0.90
CA LEU A 201 -0.51 10.48 -0.14
C LEU A 201 -0.20 9.58 -1.34
N ALA A 202 0.35 8.36 -1.16
CA ALA A 202 0.65 7.52 -2.32
C ALA A 202 -0.63 7.05 -3.07
N PRO A 203 -1.69 6.48 -2.41
CA PRO A 203 -2.88 6.07 -3.19
C PRO A 203 -3.56 7.20 -3.97
N LEU A 204 -3.83 8.34 -3.31
CA LEU A 204 -4.50 9.47 -3.98
C LEU A 204 -3.67 10.12 -5.05
N GLY A 205 -2.34 10.19 -4.85
CA GLY A 205 -1.42 10.72 -5.84
C GLY A 205 -1.44 9.87 -7.09
N LEU A 206 -1.39 8.52 -6.92
CA LEU A 206 -1.47 7.53 -8.01
C LEU A 206 -2.84 7.60 -8.70
N MET A 207 -3.91 7.78 -7.91
CA MET A 207 -5.26 7.90 -8.44
C MET A 207 -5.42 9.16 -9.29
N ALA A 208 -4.97 10.34 -8.79
CA ALA A 208 -5.06 11.62 -9.51
C ALA A 208 -4.38 11.53 -10.88
N MET A 209 -3.25 10.81 -10.97
CA MET A 209 -2.51 10.60 -12.23
C MET A 209 -3.24 9.64 -13.16
N ALA A 210 -3.90 8.62 -12.60
CA ALA A 210 -4.67 7.63 -13.35
C ALA A 210 -5.92 8.26 -13.96
N TYR A 211 -6.67 9.05 -13.16
CA TYR A 211 -7.87 9.73 -13.63
C TYR A 211 -7.55 10.82 -14.65
N PHE A 212 -6.38 11.47 -14.54
CA PHE A 212 -5.95 12.48 -15.51
C PHE A 212 -5.70 11.80 -16.86
N GLN A 213 -5.16 10.57 -16.86
CA GLN A 213 -4.92 9.82 -18.10
C GLN A 213 -6.23 9.39 -18.72
N ILE A 214 -7.19 8.97 -17.86
CA ILE A 214 -8.55 8.58 -18.24
C ILE A 214 -9.25 9.80 -18.85
N PHE A 215 -9.00 11.00 -18.28
CA PHE A 215 -9.55 12.27 -18.77
C PHE A 215 -9.06 12.55 -20.20
N ARG A 216 -7.74 12.38 -20.43
CA ARG A 216 -7.08 12.57 -21.72
C ARG A 216 -7.60 11.58 -22.78
N LYS A 217 -7.84 10.31 -22.37
CA LYS A 217 -8.36 9.29 -23.29
C LYS A 217 -9.84 9.47 -23.60
N LEU A 218 -10.67 9.84 -22.60
CA LEU A 218 -12.13 9.98 -22.77
C LEU A 218 -12.63 11.35 -23.29
N TRP A 219 -11.84 12.44 -23.17
CA TRP A 219 -12.29 13.76 -23.63
C TRP A 219 -11.44 14.35 -24.74
N GLU A 230 -19.21 2.12 -30.14
CA GLU A 230 -18.10 2.60 -29.31
C GLU A 230 -18.35 4.01 -28.75
N VAL A 231 -19.10 4.85 -29.49
CA VAL A 231 -19.50 6.22 -29.12
C VAL A 231 -20.45 6.15 -27.92
N LYS A 232 -21.40 5.19 -27.94
CA LYS A 232 -22.40 4.93 -26.89
C LYS A 232 -21.69 4.54 -25.58
N GLN A 233 -20.63 3.71 -25.68
CA GLN A 233 -19.84 3.27 -24.54
C GLN A 233 -18.98 4.43 -24.03
N MET A 234 -18.43 5.26 -24.95
CA MET A 234 -17.61 6.43 -24.63
C MET A 234 -18.43 7.50 -23.87
N ARG A 235 -19.75 7.55 -24.14
CA ARG A 235 -20.71 8.46 -23.50
C ARG A 235 -21.03 7.97 -22.08
N ALA A 236 -21.12 6.63 -21.92
CA ALA A 236 -21.41 5.94 -20.65
C ALA A 236 -20.21 6.08 -19.69
N ARG A 237 -19.00 5.77 -20.23
CA ARG A 237 -17.70 5.84 -19.57
C ARG A 237 -17.40 7.23 -19.02
N ARG A 238 -17.73 8.30 -19.78
CA ARG A 238 -17.49 9.69 -19.36
C ARG A 238 -18.33 10.03 -18.12
N LYS A 239 -19.58 9.52 -18.04
CA LYS A 239 -20.49 9.75 -16.92
C LYS A 239 -19.93 9.14 -15.62
N THR A 240 -19.47 7.86 -15.69
CA THR A 240 -18.88 7.14 -14.56
C THR A 240 -17.54 7.77 -14.16
N ALA A 241 -16.67 8.08 -15.14
CA ALA A 241 -15.37 8.71 -14.90
C ALA A 241 -15.53 10.06 -14.20
N LYS A 242 -16.50 10.90 -14.62
CA LYS A 242 -16.77 12.19 -13.99
C LYS A 242 -17.14 11.96 -12.50
N MET A 243 -18.04 11.00 -12.22
CA MET A 243 -18.53 10.65 -10.90
C MET A 243 -17.41 10.15 -9.96
N LEU A 244 -16.60 9.19 -10.44
CA LEU A 244 -15.49 8.62 -9.66
C LEU A 244 -14.42 9.65 -9.35
N MET A 245 -14.22 10.65 -10.24
CA MET A 245 -13.25 11.71 -10.00
C MET A 245 -13.74 12.59 -8.84
N VAL A 246 -15.08 12.79 -8.75
CA VAL A 246 -15.72 13.56 -7.67
C VAL A 246 -15.61 12.78 -6.34
N VAL A 247 -15.91 11.47 -6.34
CA VAL A 247 -15.78 10.57 -5.20
C VAL A 247 -14.33 10.64 -4.63
N VAL A 248 -13.29 10.55 -5.50
CA VAL A 248 -11.86 10.63 -5.15
C VAL A 248 -11.52 12.04 -4.63
N LEU A 249 -11.96 13.11 -5.34
CA LEU A 249 -11.71 14.50 -4.92
C LEU A 249 -12.34 14.81 -3.54
N VAL A 250 -13.59 14.36 -3.29
CA VAL A 250 -14.32 14.54 -2.04
C VAL A 250 -13.61 13.75 -0.91
N PHE A 251 -13.15 12.51 -1.21
CA PHE A 251 -12.40 11.67 -0.27
C PHE A 251 -11.11 12.39 0.13
N ALA A 252 -10.35 12.91 -0.86
CA ALA A 252 -9.12 13.64 -0.63
C ALA A 252 -9.34 14.90 0.23
N LEU A 253 -10.48 15.60 0.05
CA LEU A 253 -10.79 16.79 0.85
C LEU A 253 -11.18 16.42 2.27
N CYS A 254 -12.07 15.42 2.44
CA CYS A 254 -12.52 14.92 3.75
C CYS A 254 -11.42 14.40 4.65
N TYR A 255 -10.38 13.76 4.05
CA TYR A 255 -9.30 13.12 4.78
C TYR A 255 -8.06 13.99 4.93
N LEU A 256 -7.97 15.12 4.23
CA LEU A 256 -6.80 15.98 4.33
C LEU A 256 -6.58 16.53 5.75
N PRO A 257 -7.59 17.19 6.40
CA PRO A 257 -7.34 17.73 7.76
C PRO A 257 -6.86 16.71 8.78
N ILE A 258 -7.50 15.53 8.87
CA ILE A 258 -7.08 14.51 9.85
C ILE A 258 -5.65 14.00 9.57
N SER A 259 -5.31 13.80 8.28
CA SER A 259 -4.01 13.28 7.86
C SER A 259 -2.86 14.23 8.20
N VAL A 260 -3.06 15.52 7.88
CA VAL A 260 -2.11 16.60 8.11
C VAL A 260 -1.93 16.78 9.62
N LEU A 261 -3.04 16.99 10.37
CA LEU A 261 -3.05 17.18 11.81
C LEU A 261 -2.33 16.04 12.54
N ASN A 262 -2.52 14.78 12.10
CA ASN A 262 -1.83 13.61 12.66
C ASN A 262 -0.34 13.64 12.44
N VAL A 263 0.09 14.03 11.22
CA VAL A 263 1.50 14.17 10.84
C VAL A 263 2.11 15.32 11.66
N LEU A 264 1.46 16.51 11.68
CA LEU A 264 1.95 17.66 12.44
C LEU A 264 2.11 17.31 13.91
N LYS A 265 1.16 16.57 14.47
CA LYS A 265 1.20 16.15 15.86
C LYS A 265 2.24 15.04 16.15
N ARG A 266 2.25 13.97 15.35
CA ARG A 266 3.09 12.80 15.61
C ARG A 266 4.51 12.83 15.03
N VAL A 267 4.70 13.57 13.93
CA VAL A 267 6.00 13.66 13.26
C VAL A 267 6.67 14.99 13.57
N PHE A 268 5.89 16.08 13.71
CA PHE A 268 6.46 17.40 13.97
C PHE A 268 6.22 17.91 15.40
N GLY A 269 5.76 17.02 16.29
CA GLY A 269 5.50 17.30 17.69
C GLY A 269 4.72 18.57 17.96
N MET A 270 3.72 18.87 17.13
CA MET A 270 2.92 20.08 17.30
C MET A 270 1.77 19.81 18.24
N PHE A 271 1.07 20.90 18.66
CA PHE A 271 -0.13 20.92 19.52
C PHE A 271 0.07 20.31 20.92
N ARG A 272 1.31 20.26 21.43
CA ARG A 272 1.64 19.77 22.79
C ARG A 272 1.48 20.92 23.81
N GLN A 273 1.56 22.14 23.29
CA GLN A 273 1.41 23.40 24.07
C GLN A 273 -0.06 23.51 24.50
N ALA A 274 -0.30 23.96 25.74
CA ALA A 274 -1.68 24.07 26.29
C ALA A 274 -2.19 25.51 26.27
N SER A 275 -1.53 26.42 25.54
CA SER A 275 -1.98 27.84 25.59
C SER A 275 -3.43 27.97 25.12
N ASP A 276 -3.79 27.33 24.00
CA ASP A 276 -5.18 27.38 23.48
C ASP A 276 -5.62 25.95 23.17
N ARG A 277 -5.93 25.21 24.23
CA ARG A 277 -6.30 23.80 24.24
C ARG A 277 -7.56 23.58 23.40
N GLU A 278 -8.56 24.48 23.55
CA GLU A 278 -9.85 24.45 22.86
C GLU A 278 -9.74 24.63 21.35
N ALA A 279 -8.81 25.48 20.89
CA ALA A 279 -8.51 25.71 19.47
C ALA A 279 -8.04 24.37 18.80
N VAL A 280 -7.18 23.62 19.52
CA VAL A 280 -6.67 22.32 19.09
C VAL A 280 -7.80 21.28 19.08
N TYR A 281 -8.65 21.28 20.15
CA TYR A 281 -9.82 20.39 20.32
C TYR A 281 -10.79 20.58 19.15
N ALA A 282 -11.12 21.87 18.84
CA ALA A 282 -12.01 22.26 17.74
C ALA A 282 -11.48 21.84 16.36
N ALA A 283 -10.14 21.98 16.14
CA ALA A 283 -9.48 21.57 14.89
C ALA A 283 -9.57 20.04 14.73
N PHE A 284 -9.27 19.28 15.79
CA PHE A 284 -9.32 17.82 15.74
C PHE A 284 -10.74 17.25 15.63
N THR A 285 -11.72 17.92 16.24
CA THR A 285 -13.15 17.58 16.21
C THR A 285 -13.72 17.70 14.81
N PHE A 286 -13.52 18.88 14.17
CA PHE A 286 -13.93 19.11 12.78
C PHE A 286 -13.26 18.08 11.86
N SER A 287 -11.97 17.80 12.08
CA SER A 287 -11.22 16.83 11.28
C SER A 287 -11.76 15.39 11.46
N HIS A 288 -12.20 15.02 12.70
CA HIS A 288 -12.81 13.70 12.97
C HIS A 288 -14.17 13.65 12.32
N TRP A 289 -14.96 14.73 12.46
CA TRP A 289 -16.29 14.84 11.88
C TRP A 289 -16.29 14.71 10.36
N LEU A 290 -15.30 15.32 9.66
CA LEU A 290 -15.17 15.28 8.20
C LEU A 290 -14.98 13.88 7.64
N VAL A 291 -14.31 13.01 8.40
CA VAL A 291 -14.05 11.61 7.99
C VAL A 291 -15.38 10.87 7.85
N TYR A 292 -16.31 11.13 8.79
CA TYR A 292 -17.64 10.55 8.83
C TYR A 292 -18.55 11.20 7.80
N ALA A 293 -18.39 12.53 7.61
CA ALA A 293 -19.11 13.31 6.62
C ALA A 293 -18.91 12.70 5.21
N ASN A 294 -17.77 12.02 5.01
CA ASN A 294 -17.44 11.35 3.75
C ASN A 294 -18.38 10.19 3.41
N SER A 295 -18.77 9.38 4.44
CA SER A 295 -19.70 8.25 4.31
C SER A 295 -21.09 8.73 3.90
N ALA A 296 -21.48 9.96 4.33
CA ALA A 296 -22.76 10.59 3.96
C ALA A 296 -22.64 11.21 2.56
N ALA A 297 -21.43 11.68 2.19
CA ALA A 297 -21.14 12.31 0.90
C ALA A 297 -21.28 11.40 -0.31
N ASN A 298 -20.69 10.18 -0.28
CA ASN A 298 -20.71 9.26 -1.42
C ASN A 298 -22.11 8.97 -1.98
N PRO A 299 -23.13 8.53 -1.18
CA PRO A 299 -24.46 8.29 -1.79
C PRO A 299 -25.11 9.54 -2.37
N ILE A 300 -24.77 10.73 -1.85
CA ILE A 300 -25.26 12.01 -2.38
C ILE A 300 -24.59 12.26 -3.76
N ILE A 301 -23.29 11.92 -3.89
CA ILE A 301 -22.52 12.02 -5.15
C ILE A 301 -23.14 11.07 -6.20
N TYR A 302 -23.45 9.80 -5.83
CA TYR A 302 -24.05 8.84 -6.77
C TYR A 302 -25.44 9.28 -7.21
N ASN A 303 -26.15 10.00 -6.33
CA ASN A 303 -27.50 10.52 -6.59
C ASN A 303 -27.45 11.56 -7.71
N PHE A 304 -26.56 12.58 -7.62
CA PHE A 304 -26.49 13.64 -8.64
C PHE A 304 -25.70 13.27 -9.90
N LEU A 305 -24.59 12.51 -9.76
CA LEU A 305 -23.71 12.18 -10.89
C LEU A 305 -23.91 10.76 -11.49
N SER A 306 -25.03 10.10 -11.12
CA SER A 306 -25.42 8.81 -11.67
C SER A 306 -26.94 8.77 -11.79
N GLY A 307 -27.43 8.62 -13.01
CA GLY A 307 -28.87 8.56 -13.29
C GLY A 307 -29.51 7.27 -12.85
N LYS A 308 -28.75 6.15 -12.92
CA LYS A 308 -29.17 4.82 -12.53
C LYS A 308 -29.35 4.72 -11.00
N PHE A 309 -28.39 5.27 -10.20
CA PHE A 309 -28.46 5.31 -8.74
C PHE A 309 -29.59 6.21 -8.27
N ARG A 310 -29.78 7.37 -8.94
CA ARG A 310 -30.84 8.36 -8.70
C ARG A 310 -32.22 7.71 -8.83
N GLU A 311 -32.42 6.88 -9.89
CA GLU A 311 -33.68 6.16 -10.14
C GLU A 311 -34.03 5.27 -8.96
N GLN A 312 -33.03 4.55 -8.41
CA GLN A 312 -33.18 3.67 -7.25
C GLN A 312 -33.47 4.44 -5.98
N PHE A 313 -32.80 5.60 -5.81
CA PHE A 313 -32.98 6.47 -4.64
C PHE A 313 -34.38 7.10 -4.67
N LYS A 314 -34.84 7.55 -5.87
CA LYS A 314 -36.17 8.11 -6.09
C LYS A 314 -37.25 7.05 -5.82
N ALA A 315 -36.97 5.80 -6.24
CA ALA A 315 -37.84 4.64 -6.01
C ALA A 315 -37.96 4.35 -4.50
N ALA A 316 -36.87 4.50 -3.74
CA ALA A 316 -36.81 4.27 -2.30
C ALA A 316 -37.60 5.33 -1.53
N PHE A 317 -37.45 6.63 -1.90
CA PHE A 317 -38.17 7.73 -1.26
C PHE A 317 -39.66 7.67 -1.57
N SER A 318 -40.03 7.26 -2.80
CA SER A 318 -41.43 7.12 -3.21
C SER A 318 -42.11 5.94 -2.50
N TRP A 319 -41.39 4.81 -2.35
CA TRP A 319 -41.87 3.60 -1.66
C TRP A 319 -41.95 3.85 -0.14
N TRP A 320 -40.89 4.45 0.44
CA TRP A 320 -40.82 4.77 1.87
C TRP A 320 -40.95 6.28 2.06
N LYS B 19 39.33 2.06 -12.31
CA LYS B 19 39.58 0.80 -13.04
C LYS B 19 40.12 -0.30 -12.11
N GLN B 20 40.16 -0.02 -10.79
CA GLN B 20 40.65 -0.95 -9.76
C GLN B 20 39.63 -2.05 -9.47
N TYR B 21 38.33 -1.69 -9.40
CA TYR B 21 37.27 -2.66 -9.11
C TYR B 21 36.47 -3.09 -10.35
N ALA B 22 36.76 -2.51 -11.54
CA ALA B 22 36.10 -2.78 -12.82
C ALA B 22 36.01 -4.26 -13.20
N TRP B 23 37.12 -5.03 -13.06
CA TRP B 23 37.17 -6.46 -13.36
C TRP B 23 36.31 -7.24 -12.36
N VAL B 24 36.43 -6.90 -11.05
CA VAL B 24 35.69 -7.49 -9.93
C VAL B 24 34.18 -7.31 -10.16
N LEU B 25 33.80 -6.08 -10.56
CA LEU B 25 32.43 -5.66 -10.86
C LEU B 25 31.82 -6.47 -12.00
N ILE B 26 32.55 -6.65 -13.09
CA ILE B 26 32.12 -7.42 -14.25
C ILE B 26 31.97 -8.89 -13.83
N ALA B 27 33.01 -9.45 -13.15
CA ALA B 27 33.00 -10.84 -12.67
C ALA B 27 31.81 -11.13 -11.73
N ALA B 28 31.53 -10.20 -10.76
CA ALA B 28 30.42 -10.32 -9.81
C ALA B 28 29.06 -10.25 -10.51
N TYR B 29 28.91 -9.35 -11.50
CA TYR B 29 27.68 -9.20 -12.30
C TYR B 29 27.46 -10.44 -13.17
N VAL B 30 28.53 -10.96 -13.82
CA VAL B 30 28.47 -12.14 -14.69
C VAL B 30 28.11 -13.39 -13.87
N ALA B 31 28.74 -13.55 -12.68
CA ALA B 31 28.46 -14.66 -11.75
C ALA B 31 27.01 -14.60 -11.29
N VAL B 32 26.50 -13.38 -10.90
CA VAL B 32 25.11 -13.19 -10.45
C VAL B 32 24.14 -13.55 -11.58
N PHE B 33 24.36 -12.99 -12.78
CA PHE B 33 23.56 -13.22 -13.99
C PHE B 33 23.37 -14.74 -14.26
N VAL B 34 24.48 -15.53 -14.29
CA VAL B 34 24.43 -16.98 -14.51
C VAL B 34 23.63 -17.68 -13.41
N VAL B 35 24.09 -17.57 -12.12
CA VAL B 35 23.47 -18.20 -10.95
C VAL B 35 21.97 -17.85 -10.85
N ALA B 36 21.61 -16.57 -11.00
CA ALA B 36 20.21 -16.13 -10.96
C ALA B 36 19.33 -16.76 -12.07
N LEU B 37 19.82 -16.85 -13.31
CA LEU B 37 19.05 -17.44 -14.42
C LEU B 37 18.86 -18.94 -14.27
N VAL B 38 19.96 -19.67 -13.94
CA VAL B 38 19.91 -21.12 -13.73
C VAL B 38 19.02 -21.43 -12.51
N GLY B 39 19.34 -20.79 -11.39
CA GLY B 39 18.64 -20.97 -10.12
C GLY B 39 17.15 -20.73 -10.16
N ASN B 40 16.73 -19.62 -10.75
CA ASN B 40 15.32 -19.25 -10.80
C ASN B 40 14.51 -20.08 -11.80
N THR B 41 15.14 -20.57 -12.87
CA THR B 41 14.44 -21.45 -13.81
C THR B 41 14.27 -22.83 -13.15
N LEU B 42 15.19 -23.20 -12.22
CA LEU B 42 15.12 -24.45 -11.46
C LEU B 42 14.00 -24.42 -10.44
N VAL B 43 13.70 -23.21 -9.87
CA VAL B 43 12.62 -23.00 -8.89
C VAL B 43 11.30 -23.31 -9.61
N CYS B 44 11.11 -22.74 -10.83
CA CYS B 44 9.93 -22.93 -11.68
C CYS B 44 9.78 -24.39 -12.12
N LEU B 45 10.91 -25.07 -12.43
CA LEU B 45 10.88 -26.47 -12.84
C LEU B 45 10.57 -27.39 -11.66
N ALA B 46 11.07 -27.05 -10.44
CA ALA B 46 10.88 -27.83 -9.21
C ALA B 46 9.40 -27.93 -8.83
N VAL B 47 8.69 -26.79 -8.85
CA VAL B 47 7.26 -26.67 -8.52
C VAL B 47 6.42 -27.33 -9.63
N TRP B 48 6.85 -27.19 -10.90
CA TRP B 48 6.16 -27.82 -12.03
C TRP B 48 6.29 -29.35 -11.99
N ARG B 49 7.51 -29.87 -11.72
CA ARG B 49 7.79 -31.31 -11.68
C ARG B 49 7.17 -32.03 -10.48
N ASN B 50 7.25 -31.41 -9.28
CA ASN B 50 6.70 -31.99 -8.04
C ASN B 50 5.33 -31.37 -7.71
N HIS B 51 4.26 -32.17 -7.93
CA HIS B 51 2.87 -31.80 -7.67
C HIS B 51 2.56 -31.51 -6.20
N HIS B 52 3.29 -32.16 -5.26
CA HIS B 52 3.15 -31.95 -3.81
C HIS B 52 3.67 -30.57 -3.37
N MET B 53 4.61 -30.01 -4.17
CA MET B 53 5.22 -28.70 -3.98
C MET B 53 4.30 -27.57 -4.46
N ARG B 54 3.13 -27.89 -5.04
CA ARG B 54 2.20 -26.88 -5.54
C ARG B 54 1.30 -26.32 -4.43
N THR B 55 1.94 -25.58 -3.50
CA THR B 55 1.33 -24.93 -2.35
C THR B 55 1.32 -23.43 -2.63
N VAL B 56 0.39 -22.68 -1.99
CA VAL B 56 0.22 -21.23 -2.11
C VAL B 56 1.58 -20.50 -2.05
N THR B 57 2.41 -20.83 -1.03
CA THR B 57 3.75 -20.29 -0.78
C THR B 57 4.68 -20.48 -1.98
N ASN B 58 4.79 -21.73 -2.48
CA ASN B 58 5.66 -22.05 -3.62
C ASN B 58 5.18 -21.41 -4.93
N TYR B 59 3.85 -21.23 -5.09
CA TYR B 59 3.27 -20.57 -6.26
C TYR B 59 3.72 -19.10 -6.26
N PHE B 60 3.71 -18.46 -5.08
CA PHE B 60 4.20 -17.10 -4.90
C PHE B 60 5.72 -17.06 -5.06
N LEU B 61 6.43 -18.14 -4.70
CA LEU B 61 7.89 -18.23 -4.88
C LEU B 61 8.27 -18.26 -6.35
N VAL B 62 7.45 -18.97 -7.20
CA VAL B 62 7.59 -19.03 -8.68
C VAL B 62 7.40 -17.59 -9.21
N ASN B 63 6.43 -16.84 -8.67
CA ASN B 63 6.20 -15.44 -9.05
C ASN B 63 7.39 -14.52 -8.71
N LEU B 64 8.09 -14.81 -7.61
CA LEU B 64 9.28 -14.09 -7.19
C LEU B 64 10.38 -14.37 -8.21
N SER B 65 10.52 -15.66 -8.66
CA SER B 65 11.46 -16.11 -9.68
C SER B 65 11.23 -15.46 -11.08
N LEU B 66 9.93 -15.35 -11.50
CA LEU B 66 9.54 -14.69 -12.75
C LEU B 66 9.98 -13.23 -12.75
N ALA B 67 9.84 -12.53 -11.62
CA ALA B 67 10.31 -11.15 -11.44
C ALA B 67 11.85 -11.10 -11.38
N ASP B 68 12.48 -12.13 -10.79
CA ASP B 68 13.94 -12.22 -10.68
C ASP B 68 14.53 -12.41 -12.07
N VAL B 69 13.89 -13.26 -12.92
CA VAL B 69 14.29 -13.55 -14.29
C VAL B 69 14.08 -12.30 -15.15
N LEU B 70 13.00 -11.54 -14.92
CA LEU B 70 12.76 -10.29 -15.65
C LEU B 70 13.89 -9.29 -15.35
N ALA B 71 14.21 -9.08 -14.06
CA ALA B 71 15.29 -8.19 -13.65
C ALA B 71 16.66 -8.68 -14.20
N THR B 72 16.99 -9.98 -14.03
CA THR B 72 18.26 -10.55 -14.45
C THR B 72 18.48 -10.49 -15.99
N ALA B 73 17.53 -11.01 -16.79
CA ALA B 73 17.62 -11.05 -18.24
C ALA B 73 17.74 -9.68 -18.92
N ILE B 74 16.78 -8.77 -18.67
CA ILE B 74 16.70 -7.47 -19.33
C ILE B 74 17.45 -6.32 -18.62
N CYS B 75 17.37 -6.24 -17.30
CA CYS B 75 17.90 -5.11 -16.55
C CYS B 75 19.36 -5.22 -16.09
N LEU B 76 19.79 -6.37 -15.57
CA LEU B 76 21.18 -6.58 -15.11
C LEU B 76 22.26 -6.11 -16.14
N PRO B 77 22.22 -6.52 -17.45
CA PRO B 77 23.27 -6.07 -18.39
C PRO B 77 23.26 -4.57 -18.66
N ALA B 78 22.07 -3.96 -18.61
CA ALA B 78 21.89 -2.51 -18.75
C ALA B 78 22.57 -1.81 -17.55
N SER B 79 22.35 -2.32 -16.32
CA SER B 79 22.95 -1.78 -15.10
C SER B 79 24.46 -1.92 -15.06
N LEU B 80 24.99 -3.10 -15.44
CA LEU B 80 26.44 -3.36 -15.51
C LEU B 80 27.09 -2.41 -16.55
N LEU B 81 26.45 -2.24 -17.71
CA LEU B 81 26.97 -1.35 -18.76
C LEU B 81 26.96 0.11 -18.31
N VAL B 82 25.93 0.55 -17.57
CA VAL B 82 25.85 1.92 -17.04
C VAL B 82 26.94 2.12 -15.96
N ASP B 83 27.07 1.16 -15.05
CA ASP B 83 28.00 1.26 -13.93
C ASP B 83 29.48 1.31 -14.36
N ILE B 84 29.81 0.63 -15.46
CA ILE B 84 31.17 0.53 -16.00
C ILE B 84 31.54 1.69 -16.94
N THR B 85 30.57 2.24 -17.68
CA THR B 85 30.82 3.32 -18.65
C THR B 85 30.40 4.70 -18.14
N GLU B 86 29.53 4.75 -17.11
CA GLU B 86 28.95 5.97 -16.52
C GLU B 86 28.03 6.69 -17.54
N SER B 87 27.65 5.96 -18.62
CA SER B 87 26.83 6.44 -19.72
C SER B 87 25.68 5.49 -20.13
N TRP B 88 24.65 6.04 -20.79
CA TRP B 88 23.52 5.29 -21.31
C TRP B 88 23.72 5.21 -22.81
N LEU B 89 23.93 3.98 -23.27
CA LEU B 89 24.27 3.71 -24.67
C LEU B 89 23.13 3.13 -25.52
N PHE B 90 21.92 3.05 -24.97
CA PHE B 90 20.76 2.43 -25.60
C PHE B 90 19.68 3.38 -26.19
N GLY B 91 19.89 4.68 -26.07
CA GLY B 91 18.92 5.64 -26.58
C GLY B 91 17.69 5.83 -25.70
N HIS B 92 16.79 6.71 -26.16
CA HIS B 92 15.59 7.18 -25.48
C HIS B 92 14.49 6.12 -25.25
N ALA B 93 14.20 5.27 -26.24
CA ALA B 93 13.15 4.24 -26.09
C ALA B 93 13.39 3.31 -24.87
N LEU B 94 14.63 2.78 -24.75
CA LEU B 94 15.06 1.85 -23.70
C LEU B 94 15.37 2.54 -22.36
N CYS B 95 15.61 3.87 -22.38
CA CYS B 95 15.84 4.67 -21.17
C CYS B 95 14.52 4.72 -20.37
N LYS B 96 13.39 4.59 -21.06
CA LYS B 96 12.09 4.54 -20.43
C LYS B 96 11.70 3.14 -20.03
N VAL B 97 11.89 2.17 -20.94
CA VAL B 97 11.55 0.76 -20.79
C VAL B 97 12.33 0.03 -19.69
N ILE B 98 13.68 0.00 -19.74
CA ILE B 98 14.51 -0.80 -18.83
C ILE B 98 14.42 -0.31 -17.34
N PRO B 99 14.64 0.97 -16.98
CA PRO B 99 14.42 1.39 -15.58
C PRO B 99 13.01 1.04 -15.09
N TYR B 100 12.01 1.15 -16.00
CA TYR B 100 10.61 0.84 -15.72
C TYR B 100 10.41 -0.64 -15.40
N LEU B 101 10.98 -1.53 -16.22
CA LEU B 101 10.88 -2.96 -16.00
C LEU B 101 11.57 -3.38 -14.72
N GLN B 102 12.65 -2.68 -14.35
CA GLN B 102 13.39 -2.99 -13.13
C GLN B 102 12.57 -2.63 -11.90
N ALA B 103 11.98 -1.39 -11.87
CA ALA B 103 11.10 -0.93 -10.81
C ALA B 103 9.88 -1.86 -10.68
N VAL B 104 9.30 -2.30 -11.80
CA VAL B 104 8.16 -3.25 -11.83
C VAL B 104 8.58 -4.56 -11.11
N SER B 105 9.80 -5.06 -11.40
CA SER B 105 10.28 -6.31 -10.81
C SER B 105 10.52 -6.22 -9.31
N VAL B 106 10.85 -5.01 -8.79
CA VAL B 106 11.05 -4.75 -7.35
C VAL B 106 9.66 -4.79 -6.66
N SER B 107 8.67 -4.12 -7.29
CA SER B 107 7.28 -4.03 -6.81
C SER B 107 6.63 -5.42 -6.77
N VAL B 108 6.77 -6.22 -7.83
CA VAL B 108 6.27 -7.59 -7.93
C VAL B 108 6.87 -8.41 -6.77
N ALA B 109 8.20 -8.30 -6.56
CA ALA B 109 8.99 -8.99 -5.53
C ALA B 109 8.52 -8.71 -4.10
N VAL B 110 8.36 -7.41 -3.76
CA VAL B 110 7.88 -6.90 -2.48
C VAL B 110 6.40 -7.29 -2.23
N LEU B 111 5.53 -7.16 -3.24
CA LEU B 111 4.13 -7.53 -3.12
C LEU B 111 3.99 -9.04 -3.04
N THR B 112 4.89 -9.81 -3.68
CA THR B 112 4.86 -11.27 -3.58
C THR B 112 5.19 -11.67 -2.15
N LEU B 113 6.27 -11.08 -1.57
CA LEU B 113 6.73 -11.37 -0.21
C LEU B 113 5.69 -10.97 0.83
N SER B 114 5.01 -9.82 0.59
CA SER B 114 3.93 -9.32 1.42
C SER B 114 2.76 -10.30 1.44
N PHE B 115 2.37 -10.85 0.27
CA PHE B 115 1.26 -11.80 0.13
C PHE B 115 1.54 -13.16 0.73
N ILE B 116 2.83 -13.59 0.75
CA ILE B 116 3.24 -14.84 1.37
C ILE B 116 3.06 -14.68 2.88
N ALA B 117 3.57 -13.54 3.44
CA ALA B 117 3.52 -13.19 4.88
C ALA B 117 2.08 -13.17 5.37
N LEU B 118 1.20 -12.53 4.58
CA LEU B 118 -0.24 -12.39 4.82
C LEU B 118 -0.96 -13.76 4.82
N ASP B 119 -0.56 -14.68 3.93
CA ASP B 119 -1.09 -16.04 3.81
C ASP B 119 -0.71 -16.84 5.06
N ARG B 120 0.58 -16.71 5.48
CA ARG B 120 1.14 -17.38 6.65
C ARG B 120 0.54 -16.86 7.96
N TRP B 121 0.34 -15.54 8.04
CA TRP B 121 -0.22 -14.86 9.19
C TRP B 121 -1.64 -15.35 9.43
N TYR B 122 -2.48 -15.35 8.37
CA TYR B 122 -3.83 -15.87 8.49
C TYR B 122 -3.85 -17.40 8.70
N ALA B 123 -2.90 -18.15 8.09
CA ALA B 123 -2.87 -19.61 8.23
C ALA B 123 -2.55 -20.11 9.65
N ILE B 124 -1.67 -19.38 10.36
CA ILE B 124 -1.11 -19.73 11.66
C ILE B 124 -1.68 -18.90 12.83
N CYS B 125 -1.70 -17.58 12.70
CA CYS B 125 -2.16 -16.71 13.78
C CYS B 125 -3.67 -16.50 13.83
N HIS B 126 -4.33 -16.47 12.67
CA HIS B 126 -5.78 -16.22 12.59
C HIS B 126 -6.45 -17.19 11.61
N PRO B 127 -6.43 -18.51 11.90
CA PRO B 127 -7.03 -19.45 10.95
C PRO B 127 -8.55 -19.35 10.81
N LEU B 128 -9.06 -19.89 9.70
CA LEU B 128 -10.48 -20.03 9.35
C LEU B 128 -11.24 -18.69 9.14
N LEU B 129 -10.52 -17.56 8.94
CA LEU B 129 -11.15 -16.28 8.60
C LEU B 129 -11.16 -16.16 7.05
N PHE B 130 -10.01 -16.43 6.41
CA PHE B 130 -9.84 -16.37 4.95
C PHE B 130 -9.26 -17.66 4.41
N LYS B 131 -9.92 -18.22 3.37
CA LYS B 131 -9.48 -19.44 2.65
C LYS B 131 -8.49 -19.04 1.55
N SER B 132 -7.23 -19.50 1.67
CA SER B 132 -6.16 -19.23 0.70
C SER B 132 -5.81 -20.53 -0.01
N THR B 133 -6.34 -20.69 -1.23
CA THR B 133 -6.18 -21.85 -2.12
C THR B 133 -5.23 -21.52 -3.28
N ALA B 134 -4.71 -22.57 -3.96
CA ALA B 134 -3.80 -22.46 -5.11
C ALA B 134 -4.42 -21.71 -6.29
N ARG B 135 -5.75 -21.87 -6.49
CA ARG B 135 -6.54 -21.23 -7.54
C ARG B 135 -6.61 -19.72 -7.31
N ARG B 136 -6.89 -19.32 -6.04
CA ARG B 136 -6.96 -17.92 -5.59
C ARG B 136 -5.58 -17.27 -5.59
N ALA B 137 -4.50 -18.08 -5.46
CA ALA B 137 -3.12 -17.61 -5.47
C ALA B 137 -2.74 -17.04 -6.84
N LEU B 138 -3.16 -17.70 -7.94
CA LEU B 138 -2.91 -17.27 -9.32
C LEU B 138 -3.62 -15.94 -9.64
N GLY B 139 -4.77 -15.71 -8.99
CA GLY B 139 -5.56 -14.49 -9.12
C GLY B 139 -4.88 -13.34 -8.41
N SER B 140 -4.27 -13.63 -7.23
CA SER B 140 -3.50 -12.68 -6.44
C SER B 140 -2.22 -12.30 -7.22
N ILE B 141 -1.56 -13.31 -7.85
CA ILE B 141 -0.34 -13.17 -8.66
C ILE B 141 -0.56 -12.23 -9.88
N LEU B 142 -1.66 -12.41 -10.62
CA LEU B 142 -2.02 -11.56 -11.76
C LEU B 142 -2.31 -10.12 -11.32
N GLY B 143 -2.89 -9.97 -10.12
CA GLY B 143 -3.21 -8.69 -9.48
C GLY B 143 -1.96 -7.95 -9.02
N ILE B 144 -0.92 -8.69 -8.57
CA ILE B 144 0.40 -8.18 -8.19
C ILE B 144 1.05 -7.57 -9.45
N TRP B 145 0.96 -8.27 -10.59
CA TRP B 145 1.50 -7.81 -11.87
C TRP B 145 0.79 -6.57 -12.39
N ALA B 146 -0.55 -6.57 -12.37
CA ALA B 146 -1.40 -5.46 -12.73
C ALA B 146 -1.08 -4.19 -11.89
N VAL B 147 -0.94 -4.32 -10.54
CA VAL B 147 -0.64 -3.15 -9.68
C VAL B 147 0.77 -2.62 -9.98
N SER B 148 1.76 -3.52 -10.01
CA SER B 148 3.17 -3.25 -10.28
C SER B 148 3.42 -2.53 -11.59
N LEU B 149 2.73 -2.98 -12.67
CA LEU B 149 2.85 -2.40 -14.00
C LEU B 149 2.31 -0.97 -14.05
N ALA B 150 1.21 -0.74 -13.31
CA ALA B 150 0.49 0.52 -13.21
C ALA B 150 1.19 1.55 -12.32
N ILE B 151 1.58 1.18 -11.07
CA ILE B 151 2.20 2.10 -10.11
C ILE B 151 3.61 2.56 -10.51
N MET B 152 4.28 1.84 -11.44
CA MET B 152 5.64 2.20 -11.86
C MET B 152 5.67 3.12 -13.10
N VAL B 153 4.48 3.47 -13.66
CA VAL B 153 4.36 4.36 -14.82
C VAL B 153 4.93 5.78 -14.47
N PRO B 154 4.73 6.39 -13.27
CA PRO B 154 5.34 7.70 -13.00
C PRO B 154 6.88 7.67 -13.07
N GLN B 155 7.51 6.50 -12.74
CA GLN B 155 8.95 6.27 -12.81
C GLN B 155 9.40 6.29 -14.30
N ALA B 156 8.62 5.68 -15.22
CA ALA B 156 8.91 5.66 -16.65
C ALA B 156 8.77 7.09 -17.25
N ALA B 157 7.75 7.83 -16.83
CA ALA B 157 7.44 9.20 -17.24
C ALA B 157 8.55 10.23 -16.95
N VAL B 158 9.37 10.02 -15.89
CA VAL B 158 10.44 10.97 -15.52
C VAL B 158 11.79 10.60 -16.13
N MET B 159 11.97 9.37 -16.64
CA MET B 159 13.24 8.93 -17.20
C MET B 159 13.54 9.63 -18.51
N GLU B 160 14.65 10.36 -18.56
CA GLU B 160 15.09 11.03 -19.77
C GLU B 160 16.56 10.71 -19.96
N CYS B 161 16.93 10.73 -21.23
CA CYS B 161 18.30 10.48 -21.72
C CYS B 161 18.86 11.85 -22.13
N SER B 162 19.96 12.27 -21.52
CA SER B 162 20.53 13.59 -21.88
C SER B 162 22.06 13.53 -21.98
N SER B 163 22.61 14.42 -22.80
CA SER B 163 24.05 14.52 -23.00
C SER B 163 24.59 15.72 -22.24
N VAL B 164 25.91 15.69 -21.89
CA VAL B 164 26.61 16.75 -21.15
C VAL B 164 26.31 18.13 -21.78
N LEU B 165 26.33 18.17 -23.14
CA LEU B 165 25.95 19.28 -24.00
C LEU B 165 24.91 18.64 -24.94
N PRO B 166 23.58 18.83 -24.71
CA PRO B 166 22.55 18.15 -25.52
C PRO B 166 22.86 17.96 -27.02
N GLU B 167 23.49 18.97 -27.67
CA GLU B 167 23.90 19.01 -29.08
C GLU B 167 24.79 17.80 -29.48
N LEU B 168 25.53 17.25 -28.51
CA LEU B 168 26.43 16.10 -28.65
C LEU B 168 25.76 14.76 -28.96
N ALA B 169 24.48 14.55 -28.52
CA ALA B 169 23.67 13.34 -28.75
C ALA B 169 23.45 13.02 -30.26
N ALA B 170 23.59 14.03 -31.14
CA ALA B 170 23.49 13.84 -32.57
C ALA B 170 24.75 13.15 -33.12
N ARG B 171 25.79 12.90 -32.27
CA ARG B 171 27.05 12.30 -32.74
C ARG B 171 27.35 10.96 -32.07
N THR B 172 27.20 10.90 -30.74
CA THR B 172 27.45 9.71 -29.91
C THR B 172 26.46 9.69 -28.76
N ARG B 173 26.35 8.53 -28.09
CA ARG B 173 25.57 8.32 -26.88
C ARG B 173 26.58 8.14 -25.73
N ALA B 174 27.89 8.27 -26.06
CA ALA B 174 29.04 8.15 -25.16
C ALA B 174 29.01 9.11 -23.97
N PHE B 175 28.38 10.27 -24.15
CA PHE B 175 28.28 11.31 -23.12
C PHE B 175 26.83 11.51 -22.68
N SER B 176 25.99 10.46 -22.89
CA SER B 176 24.57 10.41 -22.54
C SER B 176 24.36 9.69 -21.22
N VAL B 177 23.37 10.12 -20.45
CA VAL B 177 23.05 9.59 -19.14
C VAL B 177 21.53 9.44 -19.08
N CYS B 178 21.05 8.32 -18.50
CA CYS B 178 19.62 8.09 -18.34
C CYS B 178 19.25 8.38 -16.89
N ASP B 179 18.70 9.55 -16.63
CA ASP B 179 18.31 9.91 -15.28
C ASP B 179 16.89 10.47 -15.24
N GLU B 180 16.38 10.73 -14.05
CA GLU B 180 15.07 11.31 -13.85
C GLU B 180 15.12 12.80 -14.12
N ARG B 181 14.12 13.30 -14.82
CA ARG B 181 13.95 14.72 -15.12
C ARG B 181 12.81 15.26 -14.27
N TRP B 182 13.12 16.28 -13.44
CA TRP B 182 12.17 16.94 -12.57
C TRP B 182 12.16 18.42 -12.83
N ALA B 183 10.97 19.01 -13.00
CA ALA B 183 10.76 20.44 -13.24
C ALA B 183 11.05 21.25 -11.98
N ASP B 184 10.74 20.70 -10.80
CA ASP B 184 10.97 21.38 -9.52
C ASP B 184 11.66 20.51 -8.47
N ASP B 185 12.10 21.14 -7.36
CA ASP B 185 12.83 20.56 -6.23
C ASP B 185 11.93 19.76 -5.29
N LEU B 186 10.63 20.09 -5.22
CA LEU B 186 9.66 19.46 -4.31
C LEU B 186 9.16 18.08 -4.77
N ALA B 187 8.73 17.93 -6.03
CA ALA B 187 8.22 16.66 -6.57
C ALA B 187 9.19 15.43 -6.38
N PRO B 188 10.54 15.50 -6.67
CA PRO B 188 11.40 14.32 -6.40
C PRO B 188 11.47 13.98 -4.92
N LYS B 189 11.37 14.98 -4.04
CA LYS B 189 11.37 14.77 -2.58
C LYS B 189 10.09 14.04 -2.13
N ILE B 190 8.90 14.43 -2.67
CA ILE B 190 7.63 13.77 -2.34
C ILE B 190 7.61 12.35 -2.92
N TYR B 191 8.00 12.19 -4.18
CA TYR B 191 8.01 10.94 -4.91
C TYR B 191 8.96 9.90 -4.29
N HIS B 192 10.21 10.30 -3.99
CA HIS B 192 11.21 9.40 -3.43
C HIS B 192 10.94 9.02 -1.98
N SER B 193 10.15 9.84 -1.26
CA SER B 193 9.66 9.57 0.09
C SER B 193 8.58 8.47 0.00
N CYS B 194 7.62 8.60 -0.95
CA CYS B 194 6.56 7.61 -1.19
C CYS B 194 7.15 6.32 -1.67
N PHE B 195 8.05 6.37 -2.66
CA PHE B 195 8.75 5.23 -3.25
C PHE B 195 9.43 4.38 -2.17
N PHE B 196 10.18 5.04 -1.28
CA PHE B 196 10.90 4.36 -0.20
C PHE B 196 9.95 3.66 0.76
N ILE B 197 8.89 4.35 1.22
CA ILE B 197 7.94 3.80 2.18
C ILE B 197 7.09 2.67 1.59
N VAL B 198 6.65 2.83 0.33
CA VAL B 198 5.80 1.88 -0.39
C VAL B 198 6.55 0.62 -0.90
N THR B 199 7.77 0.78 -1.43
CA THR B 199 8.54 -0.35 -1.93
C THR B 199 9.46 -0.97 -0.89
N TYR B 200 9.79 -0.25 0.18
CA TYR B 200 10.71 -0.77 1.19
C TYR B 200 10.21 -0.75 2.67
N LEU B 201 10.12 0.44 3.29
CA LEU B 201 9.89 0.54 4.71
C LEU B 201 8.56 -0.07 5.22
N ALA B 202 7.38 0.32 4.64
CA ALA B 202 6.10 -0.24 5.10
C ALA B 202 5.95 -1.76 4.83
N PRO B 203 6.16 -2.32 3.61
CA PRO B 203 6.03 -3.80 3.45
C PRO B 203 6.90 -4.61 4.41
N LEU B 204 8.18 -4.24 4.56
CA LEU B 204 9.15 -4.96 5.40
C LEU B 204 8.91 -4.82 6.89
N GLY B 205 8.50 -3.63 7.35
CA GLY B 205 8.12 -3.41 8.75
C GLY B 205 6.93 -4.28 9.13
N LEU B 206 5.91 -4.32 8.26
CA LEU B 206 4.74 -5.16 8.42
C LEU B 206 5.11 -6.63 8.37
N MET B 207 5.93 -7.03 7.40
CA MET B 207 6.41 -8.40 7.28
C MET B 207 7.16 -8.86 8.54
N ALA B 208 8.10 -8.03 9.05
CA ALA B 208 8.88 -8.30 10.26
C ALA B 208 7.92 -8.58 11.44
N MET B 209 6.90 -7.71 11.61
CA MET B 209 5.88 -7.85 12.65
C MET B 209 5.02 -9.10 12.48
N ALA B 210 4.61 -9.42 11.23
CA ALA B 210 3.85 -10.62 10.89
C ALA B 210 4.63 -11.86 11.31
N TYR B 211 5.91 -11.95 10.88
CA TYR B 211 6.84 -13.06 11.15
C TYR B 211 7.26 -13.18 12.59
N PHE B 212 7.27 -12.05 13.35
CA PHE B 212 7.52 -12.07 14.80
C PHE B 212 6.36 -12.79 15.51
N GLN B 213 5.10 -12.56 15.06
CA GLN B 213 3.89 -13.21 15.57
C GLN B 213 3.84 -14.69 15.15
N ILE B 214 4.26 -15.00 13.92
CA ILE B 214 4.35 -16.38 13.42
C ILE B 214 5.38 -17.16 14.26
N PHE B 215 6.56 -16.52 14.54
CA PHE B 215 7.64 -17.09 15.36
C PHE B 215 7.15 -17.44 16.77
N ARG B 216 6.45 -16.48 17.43
CA ARG B 216 5.89 -16.63 18.78
C ARG B 216 4.90 -17.80 18.83
N LYS B 217 4.07 -17.97 17.78
CA LYS B 217 3.07 -19.03 17.66
C LYS B 217 3.72 -20.41 17.39
N LEU B 218 4.75 -20.48 16.52
CA LEU B 218 5.40 -21.75 16.16
C LEU B 218 6.52 -22.21 17.12
N TRP B 219 7.14 -21.29 17.86
CA TRP B 219 8.21 -21.65 18.78
C TRP B 219 7.84 -21.30 20.21
N GLY B 220 6.55 -21.07 20.43
CA GLY B 220 5.99 -20.82 21.75
C GLY B 220 5.47 -22.09 22.37
N ARG B 221 4.86 -21.98 23.56
CA ARG B 221 4.29 -23.13 24.27
C ARG B 221 3.02 -23.58 23.56
N GLN B 222 2.99 -24.85 23.14
CA GLN B 222 1.85 -25.44 22.46
C GLN B 222 0.70 -25.65 23.45
N ILE B 223 -0.55 -25.38 22.99
CA ILE B 223 -1.79 -25.56 23.76
C ILE B 223 -1.84 -27.03 24.25
N PRO B 224 -2.16 -27.29 25.54
CA PRO B 224 -2.21 -28.69 26.02
C PRO B 224 -3.27 -29.52 25.28
N GLY B 225 -2.98 -30.82 25.13
CA GLY B 225 -3.85 -31.78 24.44
C GLY B 225 -3.89 -31.67 22.93
N THR B 226 -2.71 -31.52 22.28
CA THR B 226 -2.66 -31.43 20.80
C THR B 226 -2.45 -32.79 20.16
N THR B 227 -3.11 -33.00 19.01
CA THR B 227 -3.06 -34.22 18.19
C THR B 227 -1.71 -34.33 17.52
N SER B 228 -1.33 -35.55 17.08
CA SER B 228 -0.06 -35.74 16.38
C SER B 228 -0.01 -35.10 14.98
N ALA B 229 -1.19 -35.02 14.33
CA ALA B 229 -1.43 -34.39 13.03
C ALA B 229 -1.13 -32.90 13.10
N GLU B 230 -1.29 -32.31 14.31
CA GLU B 230 -1.04 -30.89 14.60
C GLU B 230 0.44 -30.68 14.86
N VAL B 231 1.08 -31.62 15.59
CA VAL B 231 2.52 -31.59 15.90
C VAL B 231 3.28 -31.71 14.58
N LYS B 232 2.82 -32.62 13.69
CA LYS B 232 3.35 -32.83 12.34
C LYS B 232 3.14 -31.57 11.49
N GLN B 233 1.98 -30.89 11.67
CA GLN B 233 1.64 -29.66 10.93
C GLN B 233 2.54 -28.47 11.28
N MET B 234 2.90 -28.30 12.56
CA MET B 234 3.73 -27.18 12.97
C MET B 234 5.23 -27.38 12.68
N ARG B 235 5.71 -28.65 12.71
CA ARG B 235 7.10 -29.01 12.43
C ARG B 235 7.39 -28.70 10.96
N ALA B 236 6.41 -28.95 10.08
CA ALA B 236 6.45 -28.64 8.64
C ALA B 236 6.41 -27.11 8.44
N ARG B 237 5.56 -26.42 9.23
CA ARG B 237 5.37 -24.98 9.19
C ARG B 237 6.58 -24.22 9.73
N ARG B 238 7.32 -24.84 10.66
CA ARG B 238 8.54 -24.28 11.26
C ARG B 238 9.62 -24.21 10.18
N LYS B 239 9.70 -25.29 9.34
CA LYS B 239 10.64 -25.41 8.23
C LYS B 239 10.42 -24.33 7.18
N THR B 240 9.16 -24.12 6.74
CA THR B 240 8.78 -23.09 5.77
C THR B 240 9.04 -21.66 6.29
N ALA B 241 8.57 -21.36 7.54
CA ALA B 241 8.72 -20.05 8.19
C ALA B 241 10.17 -19.67 8.39
N LYS B 242 11.06 -20.64 8.71
CA LYS B 242 12.50 -20.38 8.86
C LYS B 242 13.00 -19.85 7.52
N MET B 243 12.73 -20.61 6.44
CA MET B 243 13.09 -20.26 5.07
C MET B 243 12.54 -18.87 4.63
N LEU B 244 11.25 -18.58 4.87
CA LEU B 244 10.62 -17.30 4.48
C LEU B 244 11.20 -16.09 5.19
N MET B 245 11.53 -16.22 6.50
CA MET B 245 12.13 -15.17 7.33
C MET B 245 13.53 -14.83 6.81
N VAL B 246 14.24 -15.86 6.31
CA VAL B 246 15.58 -15.71 5.74
C VAL B 246 15.49 -14.98 4.39
N VAL B 247 14.49 -15.32 3.55
CA VAL B 247 14.23 -14.69 2.26
C VAL B 247 13.92 -13.20 2.47
N VAL B 248 13.13 -12.88 3.52
CA VAL B 248 12.72 -11.52 3.84
C VAL B 248 13.90 -10.71 4.41
N LEU B 249 14.77 -11.33 5.23
CA LEU B 249 15.94 -10.65 5.80
C LEU B 249 16.98 -10.32 4.73
N VAL B 250 17.20 -11.27 3.79
CA VAL B 250 18.17 -11.13 2.69
C VAL B 250 17.71 -10.06 1.73
N PHE B 251 16.39 -10.00 1.44
CA PHE B 251 15.77 -8.99 0.59
C PHE B 251 15.95 -7.60 1.23
N ALA B 252 15.69 -7.48 2.55
CA ALA B 252 15.83 -6.26 3.32
C ALA B 252 17.30 -5.79 3.32
N LEU B 253 18.27 -6.72 3.39
CA LEU B 253 19.71 -6.39 3.37
C LEU B 253 20.18 -5.93 1.99
N CYS B 254 19.77 -6.67 0.95
CA CYS B 254 20.10 -6.40 -0.44
C CYS B 254 19.53 -5.08 -0.94
N TYR B 255 18.31 -4.72 -0.48
CA TYR B 255 17.64 -3.52 -0.96
C TYR B 255 17.85 -2.32 -0.07
N LEU B 256 18.50 -2.49 1.08
CA LEU B 256 18.72 -1.38 2.01
C LEU B 256 19.67 -0.31 1.45
N PRO B 257 20.90 -0.63 0.93
CA PRO B 257 21.77 0.44 0.43
C PRO B 257 21.15 1.26 -0.71
N ILE B 258 20.63 0.62 -1.75
CA ILE B 258 20.04 1.34 -2.88
C ILE B 258 18.93 2.29 -2.40
N SER B 259 18.02 1.80 -1.54
CA SER B 259 16.87 2.51 -0.96
C SER B 259 17.25 3.72 -0.12
N VAL B 260 18.21 3.52 0.79
CA VAL B 260 18.70 4.54 1.70
C VAL B 260 19.48 5.60 0.91
N LEU B 261 20.36 5.17 -0.03
CA LEU B 261 21.14 6.07 -0.88
C LEU B 261 20.23 6.98 -1.74
N ASN B 262 19.19 6.39 -2.34
CA ASN B 262 18.21 7.12 -3.15
C ASN B 262 17.50 8.18 -2.32
N VAL B 263 17.12 7.85 -1.07
CA VAL B 263 16.47 8.81 -0.18
C VAL B 263 17.46 9.89 0.27
N LEU B 264 18.69 9.52 0.62
CA LEU B 264 19.71 10.48 1.04
C LEU B 264 20.08 11.46 -0.09
N LYS B 265 20.03 11.01 -1.35
CA LYS B 265 20.29 11.83 -2.53
C LYS B 265 19.10 12.70 -2.94
N ARG B 266 17.93 12.07 -3.19
CA ARG B 266 16.72 12.72 -3.72
C ARG B 266 15.92 13.55 -2.75
N VAL B 267 15.80 13.10 -1.49
CA VAL B 267 15.01 13.74 -0.47
C VAL B 267 15.86 14.71 0.36
N PHE B 268 17.14 14.34 0.68
CA PHE B 268 17.99 15.17 1.54
C PHE B 268 19.15 15.90 0.84
N GLY B 269 19.18 15.85 -0.49
CA GLY B 269 20.18 16.53 -1.31
C GLY B 269 21.63 16.18 -1.03
N MET B 270 21.92 14.93 -0.67
CA MET B 270 23.30 14.52 -0.38
C MET B 270 24.03 14.11 -1.65
N PHE B 271 25.35 13.85 -1.49
CA PHE B 271 26.28 13.35 -2.51
C PHE B 271 26.44 14.27 -3.74
N ARG B 272 26.26 15.58 -3.56
CA ARG B 272 26.39 16.56 -4.64
C ARG B 272 27.82 17.04 -4.82
N GLN B 273 28.60 17.08 -3.73
CA GLN B 273 30.01 17.54 -3.65
C GLN B 273 30.94 16.70 -4.54
N ALA B 274 31.72 17.37 -5.40
CA ALA B 274 32.68 16.74 -6.33
C ALA B 274 33.87 16.05 -5.62
N SER B 275 34.06 16.35 -4.32
CA SER B 275 35.11 15.79 -3.46
C SER B 275 34.78 14.35 -3.03
N ASP B 276 33.52 13.93 -3.20
CA ASP B 276 33.01 12.61 -2.82
C ASP B 276 32.76 11.65 -4.01
N ARG B 277 32.75 12.17 -5.26
CA ARG B 277 32.49 11.44 -6.54
C ARG B 277 33.04 10.00 -6.59
N GLU B 278 34.30 9.79 -6.16
CA GLU B 278 34.99 8.51 -6.13
C GLU B 278 34.23 7.49 -5.25
N ALA B 279 33.93 7.88 -3.99
CA ALA B 279 33.22 7.09 -2.99
C ALA B 279 31.72 6.91 -3.29
N VAL B 280 31.06 8.00 -3.74
CA VAL B 280 29.65 8.06 -4.10
C VAL B 280 29.32 7.05 -5.21
N TYR B 281 30.04 7.11 -6.33
CA TYR B 281 29.84 6.21 -7.46
C TYR B 281 30.07 4.75 -7.10
N ALA B 282 31.11 4.46 -6.31
CA ALA B 282 31.43 3.12 -5.84
C ALA B 282 30.27 2.55 -4.99
N ALA B 283 29.74 3.39 -4.06
CA ALA B 283 28.62 3.05 -3.17
C ALA B 283 27.36 2.76 -3.99
N PHE B 284 27.07 3.61 -5.01
CA PHE B 284 25.89 3.44 -5.84
C PHE B 284 25.99 2.22 -6.72
N THR B 285 27.19 1.95 -7.22
CA THR B 285 27.56 0.80 -8.05
C THR B 285 27.35 -0.48 -7.25
N PHE B 286 27.83 -0.51 -6.00
CA PHE B 286 27.66 -1.65 -5.11
C PHE B 286 26.19 -1.90 -4.79
N SER B 287 25.43 -0.83 -4.54
CA SER B 287 24.01 -0.90 -4.22
C SER B 287 23.15 -1.45 -5.39
N HIS B 288 23.56 -1.14 -6.66
CA HIS B 288 22.91 -1.62 -7.89
C HIS B 288 23.19 -3.11 -8.08
N TRP B 289 24.44 -3.57 -7.84
CA TRP B 289 24.81 -4.97 -7.99
C TRP B 289 24.04 -5.83 -6.96
N LEU B 290 23.91 -5.33 -5.70
CA LEU B 290 23.21 -5.97 -4.59
C LEU B 290 21.76 -6.34 -4.88
N VAL B 291 21.04 -5.46 -5.59
CA VAL B 291 19.64 -5.66 -6.04
C VAL B 291 19.55 -6.95 -6.90
N TYR B 292 20.51 -7.13 -7.82
CA TYR B 292 20.60 -8.29 -8.70
C TYR B 292 21.10 -9.49 -7.94
N ALA B 293 22.12 -9.32 -7.07
CA ALA B 293 22.65 -10.37 -6.20
C ALA B 293 21.51 -11.12 -5.48
N ASN B 294 20.42 -10.38 -5.08
CA ASN B 294 19.23 -10.92 -4.41
C ASN B 294 18.50 -12.01 -5.19
N SER B 295 18.43 -11.87 -6.52
CA SER B 295 17.81 -12.86 -7.41
C SER B 295 18.64 -14.15 -7.46
N ALA B 296 19.95 -14.05 -7.22
CA ALA B 296 20.83 -15.22 -7.19
C ALA B 296 20.75 -15.87 -5.79
N ALA B 297 20.42 -15.06 -4.76
CA ALA B 297 20.30 -15.47 -3.36
C ALA B 297 19.11 -16.40 -3.09
N ASN B 298 17.90 -16.02 -3.60
CA ASN B 298 16.66 -16.76 -3.40
C ASN B 298 16.77 -18.25 -3.72
N PRO B 299 17.25 -18.72 -4.90
CA PRO B 299 17.34 -20.18 -5.12
C PRO B 299 18.33 -20.87 -4.20
N ILE B 300 19.43 -20.19 -3.81
CA ILE B 300 20.44 -20.75 -2.90
C ILE B 300 19.81 -20.99 -1.50
N ILE B 301 19.00 -20.03 -1.02
CA ILE B 301 18.25 -20.12 0.23
C ILE B 301 17.33 -21.35 0.19
N TYR B 302 16.49 -21.49 -0.86
CA TYR B 302 15.56 -22.63 -1.01
C TYR B 302 16.29 -23.96 -1.02
N ASN B 303 17.53 -23.99 -1.52
CA ASN B 303 18.34 -25.20 -1.57
C ASN B 303 18.75 -25.68 -0.14
N PHE B 304 19.16 -24.72 0.72
CA PHE B 304 19.64 -25.02 2.07
C PHE B 304 18.54 -25.10 3.15
N LEU B 305 17.36 -24.56 2.86
CA LEU B 305 16.28 -24.48 3.84
C LEU B 305 14.97 -25.21 3.42
N SER B 306 14.97 -25.86 2.24
CA SER B 306 13.83 -26.64 1.77
C SER B 306 14.28 -27.94 1.17
N GLY B 307 13.95 -29.04 1.85
CA GLY B 307 14.27 -30.40 1.43
C GLY B 307 13.63 -30.74 0.10
N LYS B 308 12.34 -30.35 -0.08
CA LYS B 308 11.59 -30.53 -1.32
C LYS B 308 12.30 -29.82 -2.50
N PHE B 309 12.81 -28.59 -2.29
CA PHE B 309 13.57 -27.86 -3.31
C PHE B 309 14.95 -28.48 -3.57
N ARG B 310 15.69 -28.81 -2.51
CA ARG B 310 17.03 -29.44 -2.56
C ARG B 310 17.01 -30.71 -3.44
N GLU B 311 15.96 -31.55 -3.26
CA GLU B 311 15.72 -32.80 -3.99
C GLU B 311 15.59 -32.58 -5.49
N GLN B 312 14.76 -31.59 -5.87
CA GLN B 312 14.50 -31.23 -7.28
C GLN B 312 15.74 -30.62 -7.97
N PHE B 313 16.56 -29.87 -7.19
CA PHE B 313 17.80 -29.24 -7.66
C PHE B 313 18.89 -30.29 -7.87
N LYS B 314 19.03 -31.25 -6.93
CA LYS B 314 20.01 -32.35 -7.02
C LYS B 314 19.68 -33.23 -8.23
N ALA B 315 18.36 -33.45 -8.50
CA ALA B 315 17.81 -34.19 -9.63
C ALA B 315 18.19 -33.53 -10.97
N ALA B 316 18.12 -32.19 -11.01
CA ALA B 316 18.43 -31.35 -12.15
C ALA B 316 19.93 -31.35 -12.49
N PHE B 317 20.82 -31.40 -11.48
CA PHE B 317 22.26 -31.46 -11.74
C PHE B 317 22.69 -32.87 -12.13
N SER B 318 22.01 -33.90 -11.57
CA SER B 318 22.24 -35.33 -11.87
C SER B 318 21.90 -35.61 -13.34
N TRP B 319 20.86 -34.92 -13.88
CA TRP B 319 20.39 -35.03 -15.26
C TRP B 319 21.42 -34.48 -16.26
N TRP B 320 22.01 -33.30 -15.97
CA TRP B 320 23.00 -32.70 -16.84
C TRP B 320 24.38 -33.37 -16.74
N LEU B 321 24.86 -33.63 -15.50
CA LEU B 321 26.15 -34.29 -15.27
C LEU B 321 26.05 -35.79 -15.55
C01 NRK C . -6.97 6.46 13.71
C02 NRK C . -5.65 7.08 14.15
C03 NRK C . -6.71 7.98 13.51
C04 NRK C . -7.21 9.13 14.43
C05 NRK C . -8.26 6.18 14.51
C06 NRK C . -6.72 8.42 12.06
C07 NRK C . -7.91 8.27 11.34
C08 NRK C . -7.96 8.67 10.01
C09 NRK C . -6.87 9.25 9.41
C10 NRK C . -5.67 9.46 10.13
C11 NRK C . -5.61 9.03 11.45
O12 NRK C . -8.64 9.33 14.31
C13 NRK C . -9.44 9.62 15.40
C14 NRK C . -10.84 9.60 15.23
N15 NRK C . -11.69 9.90 16.25
C16 NRK C . -11.18 10.14 17.49
N17 NRK C . -9.86 10.17 17.78
C18 NRK C . -9.02 9.90 16.74
O19 NRK C . -9.07 5.56 13.84
N20 NRK C . -8.56 6.61 15.77
C21 NRK C . -9.80 6.48 16.44
C22 NRK C . -11.07 6.27 15.81
C23 NRK C . -12.26 6.34 16.56
C24 NRK C . -12.19 6.60 17.94
C25 NRK C . -10.93 6.84 18.51
N26 NRK C . -9.77 6.82 17.77
C27 NRK C . -12.17 10.44 18.61
C28 NRK C . -11.54 9.35 13.90
F29 NRK C . -13.30 6.64 18.73
F30 NRK C . -9.11 8.53 9.33
H011 NRK C . -6.92 5.89 12.93
H021 NRK C . -4.85 6.85 13.64
H022 NRK C . -5.43 7.18 15.10
H041 NRK C . -6.77 9.97 14.18
H042 NRK C . -6.93 8.96 15.33
H071 NRK C . -8.66 7.88 11.73
H091 NRK C . -6.92 9.54 8.52
H101 NRK C . -4.94 9.84 9.72
H111 NRK C . -4.82 9.14 11.94
H181 NRK C . -8.12 9.92 16.95
H201 NRK C . -7.98 7.09 16.17
H221 NRK C . -11.16 6.14 14.90
H231 NRK C . -13.09 6.16 16.16
H251 NRK C . -10.86 7.02 19.42
H271 NRK C . -11.72 10.76 19.41
H273 NRK C . -12.66 9.63 18.85
H272 NRK C . -12.81 11.11 18.32
H282 NRK C . -10.98 9.58 13.14
H281 NRK C . -12.36 9.88 13.83
H283 NRK C . -11.78 8.41 13.82
O1 PG4 D . -4.05 -6.83 21.25
C1 PG4 D . -5.16 -7.05 22.13
C2 PG4 D . -6.38 -7.55 21.39
O2 PG4 D . -6.70 -6.68 20.32
C3 PG4 D . -8.09 -6.70 19.99
C4 PG4 D . -8.34 -5.95 18.71
O3 PG4 D . -8.16 -6.80 17.58
C5 PG4 D . -7.21 -6.31 16.64
C6 PG4 D . -6.45 -7.45 16.03
O4 PG4 D . -7.28 -8.23 15.18
C7 PG4 D . -6.67 -9.44 14.74
C8 PG4 D . -7.55 -10.18 13.79
O5 PG4 D . -7.45 -9.70 12.46
S SO4 E . -16.39 -0.79 -19.50
O1 SO4 E . -15.45 -1.44 -20.42
O2 SO4 E . -16.44 -1.54 -18.26
O3 SO4 E . -15.96 0.58 -19.27
O4 SO4 E . -17.73 -0.76 -20.10
S SO4 F . -25.27 6.24 -15.11
O1 SO4 F . -24.59 5.99 -13.84
O2 SO4 F . -24.98 5.13 -16.03
O3 SO4 F . -24.81 7.50 -15.67
O4 SO4 F . -26.72 6.31 -14.88
C1 SOG G . -15.27 28.79 27.37
C2 SOG G . -15.99 28.21 28.61
C3 SOG G . -15.52 28.88 29.90
C4 SOG G . -13.99 28.97 30.02
C5 SOG G . -13.32 29.41 28.70
C6 SOG G . -11.82 29.21 28.78
C1' SOG G . -15.40 26.37 25.85
C2' SOG G . -16.35 25.67 24.88
C3' SOG G . -15.91 24.26 24.50
C4' SOG G . -16.75 23.19 25.18
C5' SOG G . -17.92 22.75 24.29
C6' SOG G . -18.75 21.65 24.92
C7' SOG G . -18.46 20.30 24.26
C8' SOG G . -19.63 19.79 23.46
S1 SOG G . -15.87 28.08 25.86
O2 SOG G . -17.40 28.39 28.49
O3 SOG G . -16.04 28.18 31.03
O4 SOG G . -13.67 29.88 31.08
O5 SOG G . -13.84 28.71 27.55
O6 SOG G . -11.25 30.34 29.46
C1 SOG H . 11.53 16.51 12.65
C2 SOG H . 11.16 17.94 12.21
C3 SOG H . 11.41 18.91 13.35
C4 SOG H . 10.64 18.51 14.59
C5 SOG H . 10.86 17.03 14.98
C6 SOG H . 9.78 16.59 15.97
C1' SOG H . 11.21 13.83 12.09
C2' SOG H . 11.94 12.84 11.18
C3' SOG H . 11.22 11.49 11.13
C4' SOG H . 10.40 11.37 9.85
C5' SOG H . 11.01 10.30 8.96
C6' SOG H . 10.14 9.07 8.92
C7' SOG H . 10.16 8.44 7.53
C8' SOG H . 10.58 7.00 7.65
S1 SOG H . 11.16 15.41 11.31
O2 SOG H . 11.86 18.35 11.02
O3 SOG H . 11.00 20.23 12.97
O4 SOG H . 11.04 19.38 15.65
O5 SOG H . 10.80 16.14 13.84
O6 SOG H . 10.20 16.77 17.33
C1 SOG I . 16.94 12.52 16.56
C2 SOG I . 15.95 11.77 17.47
C3 SOG I . 14.68 11.37 16.70
C4 SOG I . 14.19 12.35 15.62
C5 SOG I . 15.27 13.29 15.05
C6 SOG I . 14.67 14.52 14.40
C1' SOG I . 19.59 12.93 16.03
S1 SOG I . 18.43 12.99 17.37
O2 SOG I . 16.58 10.59 18.00
O3 SOG I . 13.61 11.11 17.63
O4 SOG I . 13.60 11.62 14.55
O5 SOG I . 16.27 13.66 16.01
O6 SOG I . 14.36 14.19 13.04
C1 SOG J . 6.60 -0.35 20.59
C2 SOG J . 5.96 0.95 21.11
C3 SOG J . 5.32 0.59 22.45
C4 SOG J . 4.22 -0.45 22.26
C5 SOG J . 4.89 -1.72 21.69
C6 SOG J . 3.94 -2.89 21.47
C1' SOG J . 8.27 -1.62 18.80
C2' SOG J . 9.09 -1.54 17.51
C3' SOG J . 8.75 -2.70 16.59
C4' SOG J . 8.95 -2.32 15.13
C5' SOG J . 9.03 -3.54 14.24
C6' SOG J . 9.26 -3.13 12.79
C7' SOG J . 10.53 -3.76 12.25
C8' SOG J . 11.10 -2.94 11.12
S1 SOG J . 7.51 -0.05 19.09
O2 SOG J . 6.94 1.98 21.24
O3 SOG J . 4.87 1.73 23.19
O4 SOG J . 3.54 -0.69 23.51
O5 SOG J . 5.60 -1.39 20.47
O6 SOG J . 3.67 -3.59 22.70
CAD PGW K . 0.15 -4.96 22.22
OAE PGW K . 0.90 -3.92 22.88
OAF PGW K . 2.30 -5.63 21.28
P PGW K . 2.38 -8.61 19.96
C01 PGW K . 4.52 -4.75 17.74
C1 PGW K . 1.78 -6.60 15.81
O01 PGW K . 2.89 -5.71 16.20
C02 PGW K . 3.26 -5.62 17.58
C2 PGW K . 1.90 -7.45 14.58
O02 PGW K . 0.76 -6.66 16.46
C03 PGW K . 3.58 -6.98 18.20
C3 PGW K . 1.31 -6.75 13.36
O03 PGW K . 4.41 -3.52 17.03
C04 PGW K . 0.38 -7.00 20.78
C4 PGW K . 0.63 -7.79 12.48
O04 PGW K . 3.05 -2.41 18.54
C05 PGW K . 1.07 -6.11 21.82
C5 PGW K . 1.23 -7.87 11.09
C06 PGW K . 1.16 -7.39 4.61
C6 PGW K . 0.11 -8.04 10.06
C07 PGW K . 2.03 -6.31 4.00
C7 PGW K . 0.53 -8.88 8.87
C08 PGW K . 1.29 -5.54 2.91
C8 PGW K . 0.66 -8.06 7.59
C09 PGW K . 2.07 -4.26 2.58
C9 PGW K . 1.81 -8.59 6.76
C10 PGW K . 2.03 -8.29 5.46
C11 PGW K . 1.45 -3.54 1.40
O11 PGW K . 2.39 -7.48 18.81
C12 PGW K . 1.23 -2.05 1.70
O12 PGW K . 0.98 -8.30 20.72
C13 PGW K . 0.61 -1.36 0.49
O13 PGW K . 2.31 -9.96 19.29
C14 PGW K . -0.87 -1.11 0.68
O14 PGW K . 3.51 -8.35 20.93
C15 PGW K . 6.09 -0.26 9.56
C16 PGW K . 5.12 0.75 8.94
C17 PGW K . 3.80 0.10 8.55
C18 PGW K . 2.66 1.09 8.70
C19 PGW K . 3.87 -2.30 17.65
C20 PGW K . 4.31 -0.92 17.22
C21 PGW K . 4.34 -0.77 15.70
C22 PGW K . 5.73 -0.30 15.30
C23 PGW K . 5.70 0.50 13.99
C24 PGW K . 7.07 1.13 13.71
C25 PGW K . 7.22 1.45 12.22
C26 PGW K . 7.74 0.27 11.38
C27 PGW K . 7.41 0.42 9.88
C28 PGW K . 1.35 0.56 8.11
C29 PGW K . -0.97 1.18 7.36
C30 PGW K . 0.33 1.67 7.96
CAD PGW L . 8.41 17.01 -12.68
OAE PGW L . 7.86 17.82 -11.63
OAF PGW L . 6.20 16.24 -13.19
P PGW L . 6.01 14.47 -16.02
C01 PGW L . 3.50 12.30 -13.60
C1 PGW L . 1.83 9.98 -15.74
O01 PGW L . 2.04 11.36 -15.30
C02 PGW L . 3.40 11.72 -15.00
C2 PGW L . 0.67 9.17 -15.22
O02 PGW L . 2.57 9.51 -16.60
C03 PGW L . 3.96 12.74 -16.00
C3 PGW L . 1.04 7.90 -14.44
O03 PGW L . 4.66 11.78 -12.96
C04 PGW L . 7.97 15.81 -14.82
C4 PGW L . -0.15 6.95 -14.46
O04 PGW L . 5.62 13.55 -11.81
C05 PGW L . 7.40 16.77 -13.78
C5 PGW L . -0.43 6.29 -13.11
C06 PGW L . -3.38 2.19 -8.85
C6 PGW L . -1.34 5.06 -13.20
C07 PGW L . -3.07 2.52 -7.41
C7 PGW L . -1.55 4.45 -11.80
C08 PGW L . -2.78 1.28 -6.56
C8 PGW L . -2.64 3.38 -11.71
C09 PGW L . -2.55 1.69 -5.11
C9 PGW L . -3.74 3.83 -10.75
C10 PGW L . -4.07 3.35 -9.55
C11 PGW L . -1.74 0.66 -4.32
O11 PGW L . 5.33 13.03 -15.70
C12 PGW L . -0.54 1.29 -3.61
O12 PGW L . 7.18 14.62 -14.92
C13 PGW L . -0.83 1.63 -2.15
O13 PGW L . 6.68 14.38 -17.38
C14 PGW L . 0.43 1.94 -1.39
O14 PGW L . 4.98 15.56 -15.75
C15 PGW L . 2.84 9.92 -5.85
C16 PGW L . 2.90 8.52 -5.29
C17 PGW L . 4.20 7.84 -5.68
C18 PGW L . 4.03 6.33 -5.50
C19 PGW L . 5.21 12.40 -11.76
C20 PGW L . 5.29 11.62 -10.48
C21 PGW L . 4.51 12.34 -9.39
C22 PGW L . 5.47 12.84 -8.33
C23 PGW L . 4.84 13.92 -7.47
C24 PGW L . 4.47 13.38 -6.10
C25 PGW L . 2.96 13.15 -5.99
C26 PGW L . 2.53 12.23 -4.83
C27 PGW L . 3.30 10.90 -4.78
C28 PGW L . 5.29 5.59 -5.93
C29 PGW L . 6.09 3.30 -6.47
C30 PGW L . 5.16 4.11 -5.61
C01 NRK M . 15.00 2.19 -10.31
C02 NRK M . 14.97 3.56 -9.66
C03 NRK M . 15.93 2.51 -9.11
C04 NRK M . 17.42 2.97 -9.22
C05 NRK M . 15.65 1.69 -11.64
C06 NRK M . 15.66 1.71 -7.83
C07 NRK M . 15.79 0.32 -7.89
C08 NRK M . 15.57 -0.47 -6.75
C09 NRK M . 15.22 0.13 -5.54
C10 NRK M . 15.09 1.53 -5.46
C11 NRK M . 15.34 2.32 -6.59
O12 NRK M . 18.26 1.82 -9.41
C13 NRK M . 19.25 1.75 -10.39
C14 NRK M . 19.72 0.48 -10.81
N15 NRK M . 20.67 0.33 -11.78
C16 NRK M . 21.17 1.47 -12.36
N17 NRK M . 20.77 2.74 -12.09
C18 NRK M . 19.81 2.86 -11.12
O19 NRK M . 15.12 0.68 -12.08
N20 NRK M . 16.71 2.17 -12.29
C21 NRK M . 17.38 1.55 -13.38
C22 NRK M . 17.45 0.15 -13.63
C23 NRK M . 18.29 -0.35 -14.65
C24 NRK M . 19.10 0.56 -15.37
C25 NRK M . 19.02 1.91 -15.04
N26 NRK M . 18.22 2.40 -14.04
C27 NRK M . 22.22 1.28 -13.43
C28 NRK M . 19.26 -0.84 -10.20
F29 NRK M . 19.95 0.17 -16.37
F30 NRK M . 15.73 -1.82 -6.86
H011 NRK M . 14.21 1.64 -10.11
H021 NRK M . 14.17 3.80 -9.14
H022 NRK M . 15.31 4.35 -10.13
H041 NRK M . 17.70 3.42 -8.41
H042 NRK M . 17.51 3.64 -9.91
H071 NRK M . 16.04 -0.09 -8.66
H091 NRK M . 15.08 -0.39 -4.79
H101 NRK M . 14.86 1.94 -4.65
H111 NRK M . 15.23 3.24 -6.54
H181 NRK M . 19.57 3.74 -10.92
H201 NRK M . 17.11 2.84 -11.95
H221 NRK M . 16.96 -0.46 -13.15
H231 NRK M . 18.31 -1.25 -14.85
H251 NRK M . 19.54 2.53 -15.50
H271 NRK M . 22.68 2.12 -13.63
H273 NRK M . 21.82 0.98 -14.26
H272 NRK M . 22.88 0.64 -13.15
H282 NRK M . 18.71 -0.72 -9.41
H281 NRK M . 20.02 -1.37 -9.95
H283 NRK M . 18.73 -1.33 -10.85
S SO4 N . -0.75 -24.63 5.77
O1 SO4 N . 0.39 -24.16 6.55
O2 SO4 N . -0.56 -26.05 5.49
O3 SO4 N . -0.86 -23.93 4.49
O4 SO4 N . -1.99 -24.41 6.52
S SO4 O . 10.56 -28.82 3.30
O1 SO4 O . 10.26 -30.25 3.13
O2 SO4 O . 11.94 -28.67 3.79
O3 SO4 O . 10.38 -28.12 2.02
O4 SO4 O . 9.64 -28.25 4.28
C1 SOG P . 18.29 0.11 -29.57
C2 SOG P . 18.59 1.19 -30.62
C3 SOG P . 17.43 2.18 -30.72
C4 SOG P . 16.08 1.47 -30.90
C5 SOG P . 15.91 0.35 -29.87
C6 SOG P . 14.62 -0.45 -30.02
C1' SOG P . 18.94 -2.45 -28.74
C2' SOG P . 20.02 -3.51 -28.49
C3' SOG P . 20.61 -3.40 -27.09
C4' SOG P . 20.18 -4.56 -26.21
C5' SOG P . 19.17 -4.11 -25.14
C6' SOG P . 19.80 -4.16 -23.75
C7' SOG P . 19.16 -5.27 -22.90
C8' SOG P . 20.20 -6.01 -22.09
S1 SOG P . 19.66 -0.99 -29.42
O2 SOG P . 19.82 1.84 -30.32
O3 SOG P . 17.65 3.11 -31.78
O4 SOG P . 14.98 2.41 -30.88
O5 SOG P . 17.05 -0.54 -29.89
O6 SOG P . 13.54 0.33 -29.49
C1 SOG Q . -5.60 -10.80 18.63
C2 SOG Q . -4.84 -11.04 19.95
C3 SOG Q . -3.67 -10.06 20.12
C4 SOG Q . -2.78 -9.96 18.87
C5 SOG Q . -3.61 -9.81 17.58
C6 SOG Q . -2.76 -9.96 16.31
C1' SOG Q . -8.20 -11.22 17.93
S1 SOG Q . -6.73 -12.12 18.37
O2 SOG Q . -5.74 -10.90 21.05
O3 SOG Q . -2.90 -10.42 21.27
O4 SOG Q . -1.87 -8.84 19.00
O5 SOG Q . -4.70 -10.73 17.52
O6 SOG Q . -2.11 -11.24 16.20
C1 SOG R . 6.90 5.06 -21.99
C2 SOG R . 6.68 5.87 -23.28
C3 SOG R . 6.62 7.36 -22.93
C4 SOG R . 5.81 7.73 -21.67
C5 SOG R . 5.77 6.66 -20.56
C6 SOG R . 4.48 6.75 -19.77
C1' SOG R . 5.79 2.54 -21.56
C2' SOG R . 6.16 2.12 -20.14
C3' SOG R . 4.89 1.92 -19.32
C4' SOG R . 4.18 0.63 -19.70
C5' SOG R . 2.67 0.76 -19.53
C6' SOG R . 2.05 -0.62 -19.55
C7' SOG R . 0.73 -0.69 -18.81
C8' SOG R . 0.55 -2.07 -18.25
S1 SOG R . 7.16 3.34 -22.30
O2 SOG R . 7.74 5.59 -24.20
O3 SOG R . 6.15 8.10 -24.07
O4 SOG R . 6.34 8.94 -21.11
O5 SOG R . 5.80 5.32 -21.11
O6 SOG R . 4.60 7.76 -18.77
C1 SOG S . -7.10 -11.70 -5.21
C2 SOG S . -7.60 -12.58 -4.04
C3 SOG S . -8.14 -13.94 -4.48
C4 SOG S . -8.91 -13.95 -5.81
C5 SOG S . -8.28 -13.03 -6.87
C6 SOG S . -9.17 -12.88 -8.12
C1' SOG S . -5.90 -9.36 -5.95
C2' SOG S . -4.72 -8.60 -5.34
C3' SOG S . -4.39 -7.35 -6.15
C4' SOG S . -3.18 -6.64 -5.57
S1 SOG S . -6.91 -10.03 -4.66
O2 SOG S . -6.55 -12.76 -3.09
O3 SOG S . -8.99 -14.46 -3.43
O4 SOG S . -8.98 -15.29 -6.32
O5 SOG S . -8.01 -11.72 -6.32
O6 SOG S . -9.19 -14.11 -8.85
C1 SOG T . 14.22 19.53 3.60
C2 SOG T . 15.59 20.22 3.38
C3 SOG T . 15.40 21.73 3.60
C4 SOG T . 14.26 22.31 2.74
C5 SOG T . 12.97 21.47 2.77
C6 SOG T . 12.03 21.82 1.61
C1' SOG T . 12.87 17.34 4.30
C2' SOG T . 12.22 16.14 3.62
C3' SOG T . 11.01 16.53 2.76
C4' SOG T . 10.31 15.25 2.29
C5' SOG T . 8.82 15.45 2.06
C6' SOG T . 8.10 14.15 2.38
C7' SOG T . 6.85 13.99 1.53
C8' SOG T . 5.88 13.04 2.18
S1 SOG T . 14.35 17.77 3.44
O2 SOG T . 16.60 19.68 4.26
O3 SOG T . 16.64 22.43 3.36
O4 SOG T . 13.99 23.67 3.10
O5 SOG T . 13.22 20.05 2.71
O6 SOG T . 11.69 23.21 1.64
#